data_1SVL
#
_entry.id   1SVL
#
_cell.length_a   195.812
_cell.length_b   86.442
_cell.length_c   128.601
_cell.angle_alpha   90.00
_cell.angle_beta   129.00
_cell.angle_gamma   90.00
#
_symmetry.space_group_name_H-M   'C 1 2 1'
#
loop_
_entity.id
_entity.type
_entity.pdbx_description
1 polymer 'large T antigen'
2 non-polymer 'ZINC ION'
3 non-polymer 'MAGNESIUM ION'
4 non-polymer "ADENOSINE-5'-DIPHOSPHATE"
5 water water
#
_entity_poly.entity_id   1
_entity_poly.type   'polypeptide(L)'
_entity_poly.pdbx_seq_one_letter_code
;GLKEHDFNPEEAEETKQVSWKLVTEYAMETKCDDVLLLLGMYLEFQYSFEMCLKCIKKEQPSHYKYHEKHYANAAIFADS
KNQKTICQQAVDTVLAKKRVDSLQLTREQMLTNRFNDLLDRMDIMFGSTGSADIEEWMAGVAWLHCLLPKMDSVVYDFLK
CMVYNIPKKRYWLFKGPIDSGKTTLAAALLELCGGKALNVNLPLDRLNFELGVAIDQFLVVFEDVKGTGGESRDLPSGQG
INNLDNLRDYLDGSVKVNLEKKHLNKRTQIFPPGIVTMNEYSVPKTLQARFVKQIDFRPKDYLKHCLERSEFLLEKRIIQ
SGIALLLMLIWYRPVAEFAQSIQSRIVEWKERLDKEFSLSVYQKMKFNVAMGIGVLD
;
_entity_poly.pdbx_strand_id   A,B,C
#
loop_
_chem_comp.id
_chem_comp.type
_chem_comp.name
_chem_comp.formula
ADP non-polymer ADENOSINE-5'-DIPHOSPHATE 'C10 H15 N5 O10 P2'
MG non-polymer 'MAGNESIUM ION' 'Mg 2'
ZN non-polymer 'ZINC ION' 'Zn 2'
#
# COMPACT_ATOMS: atom_id res chain seq x y z
N THR A 15 -3.24 -41.59 -6.43
CA THR A 15 -3.50 -41.34 -4.98
C THR A 15 -2.33 -40.56 -4.38
N LYS A 16 -1.18 -40.61 -5.05
CA LYS A 16 0.01 -39.90 -4.59
C LYS A 16 0.16 -38.62 -5.40
N GLN A 17 -0.82 -38.38 -6.27
CA GLN A 17 -0.83 -37.21 -7.13
C GLN A 17 -2.17 -36.47 -7.05
N VAL A 18 -2.11 -35.15 -7.15
CA VAL A 18 -3.30 -34.33 -7.06
C VAL A 18 -4.25 -34.54 -8.23
N SER A 19 -5.54 -34.55 -7.96
CA SER A 19 -6.51 -34.70 -9.04
C SER A 19 -6.94 -33.29 -9.49
N TRP A 20 -6.45 -32.86 -10.64
CA TRP A 20 -6.81 -31.54 -11.17
C TRP A 20 -8.30 -31.47 -11.40
N LYS A 21 -8.87 -32.58 -11.88
CA LYS A 21 -10.30 -32.65 -12.18
C LYS A 21 -11.17 -32.40 -10.96
N LEU A 22 -10.72 -32.85 -9.79
CA LEU A 22 -11.49 -32.63 -8.57
C LEU A 22 -11.46 -31.14 -8.18
N VAL A 23 -10.33 -30.48 -8.42
CA VAL A 23 -10.23 -29.06 -8.06
C VAL A 23 -11.15 -28.29 -9.02
N THR A 24 -11.10 -28.66 -10.28
CA THR A 24 -11.95 -28.04 -11.30
C THR A 24 -13.42 -28.22 -10.90
N GLU A 25 -13.76 -29.40 -10.39
CA GLU A 25 -15.13 -29.67 -9.96
C GLU A 25 -15.57 -28.76 -8.82
N TYR A 26 -14.67 -28.53 -7.86
CA TYR A 26 -14.99 -27.63 -6.75
C TYR A 26 -15.20 -26.22 -7.32
N ALA A 27 -14.29 -25.78 -8.17
CA ALA A 27 -14.36 -24.45 -8.78
C ALA A 27 -15.68 -24.28 -9.53
N MET A 28 -16.03 -25.32 -10.26
CA MET A 28 -17.27 -25.32 -11.04
C MET A 28 -18.49 -25.25 -10.11
N GLU A 29 -18.49 -26.06 -9.06
CA GLU A 29 -19.61 -26.08 -8.11
C GLU A 29 -19.87 -24.75 -7.40
N THR A 30 -18.80 -24.00 -7.13
CA THR A 30 -18.90 -22.73 -6.42
C THR A 30 -18.82 -21.53 -7.36
N LYS A 31 -18.71 -21.79 -8.66
CA LYS A 31 -18.62 -20.74 -9.69
C LYS A 31 -17.42 -19.83 -9.40
N CYS A 32 -16.32 -20.44 -8.99
CA CYS A 32 -15.13 -19.67 -8.66
C CYS A 32 -14.27 -19.31 -9.86
N ASP A 33 -14.29 -18.05 -10.25
CA ASP A 33 -13.48 -17.60 -11.38
C ASP A 33 -12.32 -16.69 -10.95
N ASP A 34 -11.94 -16.77 -9.68
CA ASP A 34 -10.84 -16.00 -9.09
C ASP A 34 -9.76 -17.00 -8.68
N VAL A 35 -8.61 -17.00 -9.33
CA VAL A 35 -7.56 -17.95 -9.02
C VAL A 35 -7.04 -17.90 -7.58
N LEU A 36 -6.89 -16.69 -7.02
CA LEU A 36 -6.41 -16.56 -5.64
C LEU A 36 -7.47 -17.05 -4.67
N LEU A 37 -8.73 -16.73 -4.95
CA LEU A 37 -9.80 -17.16 -4.08
C LEU A 37 -9.89 -18.70 -4.08
N LEU A 38 -9.70 -19.31 -5.26
CA LEU A 38 -9.75 -20.78 -5.37
C LEU A 38 -8.61 -21.44 -4.60
N LEU A 39 -7.42 -20.89 -4.76
CA LEU A 39 -6.23 -21.41 -4.10
C LEU A 39 -6.44 -21.37 -2.58
N GLY A 40 -6.89 -20.23 -2.06
CA GLY A 40 -7.12 -20.11 -0.63
C GLY A 40 -8.25 -20.99 -0.10
N MET A 41 -9.29 -21.13 -0.89
CA MET A 41 -10.39 -21.96 -0.46
C MET A 41 -9.95 -23.40 -0.39
N TYR A 42 -9.30 -23.88 -1.44
CA TYR A 42 -8.88 -25.26 -1.46
C TYR A 42 -7.88 -25.62 -0.36
N LEU A 43 -6.94 -24.72 -0.08
CA LEU A 43 -5.95 -24.96 0.95
C LEU A 43 -6.57 -25.19 2.33
N GLU A 44 -7.79 -24.69 2.54
CA GLU A 44 -8.47 -24.86 3.82
C GLU A 44 -9.01 -26.27 3.99
N PHE A 45 -8.99 -27.05 2.93
CA PHE A 45 -9.49 -28.41 3.03
C PHE A 45 -8.39 -29.39 3.38
N GLN A 46 -7.16 -28.91 3.43
CA GLN A 46 -6.03 -29.79 3.73
C GLN A 46 -6.05 -30.32 5.16
N TYR A 47 -6.63 -29.56 6.07
CA TYR A 47 -6.70 -29.93 7.48
C TYR A 47 -7.83 -30.93 7.75
N SER A 48 -7.75 -31.67 8.84
CA SER A 48 -8.78 -32.67 9.13
C SER A 48 -10.18 -32.06 9.15
N PHE A 49 -11.13 -32.78 8.56
CA PHE A 49 -12.52 -32.35 8.53
C PHE A 49 -13.22 -32.64 9.86
N GLU A 50 -12.73 -33.65 10.58
CA GLU A 50 -13.28 -34.04 11.87
C GLU A 50 -13.08 -33.00 12.97
N MET A 51 -11.98 -32.27 12.90
CA MET A 51 -11.69 -31.26 13.91
C MET A 51 -11.59 -29.88 13.24
N CYS A 52 -12.59 -29.56 12.42
CA CYS A 52 -12.62 -28.30 11.71
C CYS A 52 -13.58 -27.27 12.30
N LEU A 53 -13.00 -26.19 12.83
CA LEU A 53 -13.79 -25.12 13.40
C LEU A 53 -14.72 -24.53 12.36
N LYS A 54 -14.22 -24.36 11.13
CA LYS A 54 -15.03 -23.77 10.07
C LYS A 54 -16.23 -24.62 9.72
N CYS A 55 -16.07 -25.94 9.72
CA CYS A 55 -17.20 -26.81 9.41
C CYS A 55 -18.17 -26.89 10.58
N ILE A 56 -17.65 -26.95 11.81
CA ILE A 56 -18.55 -27.05 12.96
C ILE A 56 -19.37 -25.77 13.15
N LYS A 57 -18.81 -24.61 12.81
CA LYS A 57 -19.53 -23.36 12.97
C LYS A 57 -20.41 -23.03 11.75
N LYS A 58 -20.29 -23.81 10.69
CA LYS A 58 -21.09 -23.59 9.48
C LYS A 58 -20.98 -22.13 9.04
N GLU A 59 -19.75 -21.63 8.98
CA GLU A 59 -19.49 -20.25 8.59
C GLU A 59 -19.71 -19.98 7.09
N GLN A 60 -19.12 -20.80 6.22
CA GLN A 60 -19.25 -20.60 4.77
C GLN A 60 -19.61 -21.89 4.02
N PRO A 61 -20.76 -21.91 3.34
CA PRO A 61 -21.26 -23.05 2.56
C PRO A 61 -20.21 -23.51 1.56
N SER A 62 -19.56 -22.54 0.92
CA SER A 62 -18.52 -22.85 -0.05
C SER A 62 -17.39 -23.60 0.64
N HIS A 63 -17.39 -23.62 1.97
CA HIS A 63 -16.37 -24.37 2.70
C HIS A 63 -16.92 -25.67 3.27
N TYR A 64 -17.84 -25.56 4.23
CA TYR A 64 -18.39 -26.74 4.90
C TYR A 64 -19.14 -27.77 4.07
N LYS A 65 -19.65 -27.36 2.91
CA LYS A 65 -20.34 -28.30 2.05
C LYS A 65 -19.34 -29.13 1.27
N TYR A 66 -18.09 -28.69 1.22
CA TYR A 66 -17.10 -29.43 0.45
C TYR A 66 -15.86 -29.97 1.14
N HIS A 67 -15.54 -29.47 2.33
CA HIS A 67 -14.32 -29.91 3.04
C HIS A 67 -14.15 -31.43 3.10
N GLU A 68 -15.14 -32.14 3.64
CA GLU A 68 -15.02 -33.59 3.77
C GLU A 68 -14.72 -34.28 2.45
N LYS A 69 -15.47 -33.93 1.42
CA LYS A 69 -15.28 -34.53 0.12
C LYS A 69 -13.89 -34.26 -0.50
N HIS A 70 -13.37 -33.06 -0.30
CA HIS A 70 -12.06 -32.70 -0.88
C HIS A 70 -10.85 -32.84 0.02
N TYR A 71 -11.08 -33.22 1.28
CA TYR A 71 -10.02 -33.37 2.26
C TYR A 71 -8.84 -34.19 1.75
N ALA A 72 -9.12 -35.38 1.25
CA ALA A 72 -8.05 -36.25 0.79
C ALA A 72 -7.24 -35.62 -0.34
N ASN A 73 -7.94 -34.99 -1.28
CA ASN A 73 -7.28 -34.36 -2.41
C ASN A 73 -6.55 -33.08 -1.97
N ALA A 74 -7.12 -32.33 -1.04
CA ALA A 74 -6.50 -31.09 -0.59
C ALA A 74 -5.19 -31.39 0.15
N ALA A 75 -5.20 -32.47 0.96
CA ALA A 75 -4.01 -32.90 1.68
C ALA A 75 -2.85 -33.08 0.70
N ILE A 76 -3.14 -33.67 -0.46
CA ILE A 76 -2.12 -33.89 -1.49
C ILE A 76 -1.77 -32.58 -2.19
N PHE A 77 -2.80 -31.78 -2.42
CA PHE A 77 -2.65 -30.47 -3.07
C PHE A 77 -1.69 -29.62 -2.22
N ALA A 78 -1.85 -29.69 -0.91
CA ALA A 78 -1.00 -28.92 0.01
C ALA A 78 0.50 -29.15 -0.19
N ASP A 79 0.88 -30.34 -0.68
CA ASP A 79 2.29 -30.65 -0.91
C ASP A 79 2.71 -30.48 -2.37
N SER A 80 1.75 -30.21 -3.24
CA SER A 80 2.03 -30.03 -4.65
C SER A 80 2.87 -28.79 -4.91
N LYS A 81 3.70 -28.85 -5.95
CA LYS A 81 4.52 -27.70 -6.29
C LYS A 81 3.99 -26.96 -7.52
N ASN A 82 2.73 -27.21 -7.88
CA ASN A 82 2.12 -26.56 -9.05
C ASN A 82 0.74 -26.01 -8.70
N GLN A 83 0.57 -25.63 -7.44
CA GLN A 83 -0.73 -25.14 -6.98
C GLN A 83 -1.41 -24.10 -7.86
N LYS A 84 -0.67 -23.09 -8.29
CA LYS A 84 -1.24 -22.00 -9.11
C LYS A 84 -1.66 -22.48 -10.51
N THR A 85 -0.87 -23.36 -11.10
CA THR A 85 -1.14 -23.90 -12.42
C THR A 85 -2.43 -24.72 -12.38
N ILE A 86 -2.59 -25.50 -11.32
CA ILE A 86 -3.79 -26.32 -11.17
C ILE A 86 -5.04 -25.46 -11.05
N CYS A 87 -4.96 -24.44 -10.21
CA CYS A 87 -6.08 -23.55 -9.99
C CYS A 87 -6.43 -22.77 -11.25
N GLN A 88 -5.42 -22.42 -12.04
CA GLN A 88 -5.62 -21.66 -13.27
C GLN A 88 -6.44 -22.47 -14.28
N GLN A 89 -6.15 -23.76 -14.38
CA GLN A 89 -6.92 -24.57 -15.30
C GLN A 89 -8.35 -24.70 -14.80
N ALA A 90 -8.53 -24.81 -13.49
CA ALA A 90 -9.85 -24.93 -12.91
C ALA A 90 -10.65 -23.63 -13.14
N VAL A 91 -9.98 -22.51 -13.02
CA VAL A 91 -10.65 -21.23 -13.22
C VAL A 91 -10.95 -21.04 -14.71
N ASP A 92 -10.03 -21.46 -15.57
CA ASP A 92 -10.24 -21.34 -17.02
C ASP A 92 -11.49 -22.13 -17.43
N THR A 93 -11.74 -23.25 -16.76
CA THR A 93 -12.91 -24.08 -17.02
C THR A 93 -14.19 -23.33 -16.65
N VAL A 94 -14.15 -22.62 -15.53
CA VAL A 94 -15.31 -21.85 -15.10
C VAL A 94 -15.57 -20.72 -16.08
N LEU A 95 -14.51 -20.08 -16.58
CA LEU A 95 -14.63 -18.99 -17.54
C LEU A 95 -15.12 -19.53 -18.88
N ALA A 96 -14.63 -20.70 -19.29
CA ALA A 96 -15.07 -21.28 -20.55
C ALA A 96 -16.58 -21.59 -20.48
N LYS A 97 -17.04 -22.10 -19.35
CA LYS A 97 -18.46 -22.40 -19.18
C LYS A 97 -19.29 -21.12 -19.31
N LYS A 98 -18.80 -20.05 -18.70
CA LYS A 98 -19.49 -18.77 -18.75
C LYS A 98 -19.57 -18.29 -20.19
N ARG A 99 -18.50 -18.47 -20.95
CA ARG A 99 -18.47 -18.08 -22.36
C ARG A 99 -19.52 -18.87 -23.16
N VAL A 100 -19.57 -20.18 -22.93
CA VAL A 100 -20.56 -21.02 -23.61
C VAL A 100 -21.99 -20.56 -23.27
N ASP A 101 -22.28 -20.39 -21.99
CA ASP A 101 -23.59 -19.97 -21.53
C ASP A 101 -24.04 -18.59 -22.08
N SER A 102 -23.10 -17.66 -22.16
CA SER A 102 -23.40 -16.32 -22.64
C SER A 102 -23.83 -16.40 -24.10
N LEU A 103 -23.26 -17.35 -24.83
CA LEU A 103 -23.58 -17.54 -26.24
C LEU A 103 -24.75 -18.49 -26.52
N GLN A 104 -25.05 -19.41 -25.60
CA GLN A 104 -26.11 -20.39 -25.85
C GLN A 104 -27.36 -20.40 -24.98
N LEU A 105 -27.30 -19.81 -23.79
CA LEU A 105 -28.48 -19.80 -22.94
C LEU A 105 -29.40 -18.69 -23.42
N THR A 106 -30.68 -18.79 -23.05
CA THR A 106 -31.64 -17.73 -23.39
C THR A 106 -31.56 -16.72 -22.24
N ARG A 107 -31.90 -15.46 -22.53
CA ARG A 107 -31.88 -14.41 -21.51
C ARG A 107 -32.66 -14.84 -20.27
N GLU A 108 -33.80 -15.51 -20.50
CA GLU A 108 -34.65 -15.99 -19.41
C GLU A 108 -33.94 -17.02 -18.54
N GLN A 109 -33.11 -17.86 -19.16
CA GLN A 109 -32.39 -18.88 -18.41
C GLN A 109 -31.27 -18.23 -17.61
N MET A 110 -30.63 -17.23 -18.19
CA MET A 110 -29.58 -16.50 -17.51
C MET A 110 -30.15 -15.90 -16.22
N LEU A 111 -31.28 -15.21 -16.36
CA LEU A 111 -31.94 -14.59 -15.21
C LEU A 111 -32.35 -15.66 -14.19
N THR A 112 -32.86 -16.80 -14.67
CA THR A 112 -33.28 -17.89 -13.79
C THR A 112 -32.10 -18.46 -12.98
N ASN A 113 -30.98 -18.71 -13.65
CA ASN A 113 -29.81 -19.24 -12.95
C ASN A 113 -29.41 -18.20 -11.92
N ARG A 114 -29.49 -16.93 -12.31
CA ARG A 114 -29.15 -15.82 -11.44
C ARG A 114 -30.01 -15.90 -10.18
N PHE A 115 -31.29 -16.22 -10.38
CA PHE A 115 -32.23 -16.32 -9.28
C PHE A 115 -31.98 -17.51 -8.35
N ASN A 116 -31.63 -18.66 -8.92
CA ASN A 116 -31.35 -19.85 -8.12
C ASN A 116 -30.17 -19.59 -7.19
N ASP A 117 -29.23 -18.79 -7.66
CA ASP A 117 -28.05 -18.46 -6.86
C ASP A 117 -28.41 -17.55 -5.70
N LEU A 118 -29.29 -16.58 -5.96
CA LEU A 118 -29.72 -15.65 -4.92
C LEU A 118 -30.52 -16.42 -3.87
N LEU A 119 -31.28 -17.41 -4.33
CA LEU A 119 -32.10 -18.24 -3.44
C LEU A 119 -31.26 -19.13 -2.54
N ASP A 120 -30.11 -19.58 -3.04
CA ASP A 120 -29.23 -20.43 -2.25
C ASP A 120 -28.66 -19.58 -1.13
N ARG A 121 -28.26 -18.37 -1.48
CA ARG A 121 -27.70 -17.46 -0.50
C ARG A 121 -28.77 -17.14 0.55
N MET A 122 -30.03 -17.13 0.11
CA MET A 122 -31.16 -16.85 1.01
C MET A 122 -31.46 -18.01 1.94
N ASP A 123 -31.32 -19.24 1.44
CA ASP A 123 -31.59 -20.42 2.26
C ASP A 123 -30.61 -20.50 3.42
N ILE A 124 -29.45 -19.89 3.26
CA ILE A 124 -28.43 -19.95 4.28
C ILE A 124 -28.53 -18.76 5.25
N MET A 125 -28.58 -17.55 4.70
CA MET A 125 -28.66 -16.34 5.52
C MET A 125 -29.89 -16.32 6.42
N PHE A 126 -30.97 -16.97 5.98
CA PHE A 126 -32.20 -17.04 6.77
C PHE A 126 -32.40 -18.42 7.38
N GLY A 127 -31.35 -19.24 7.33
CA GLY A 127 -31.42 -20.58 7.89
C GLY A 127 -30.92 -20.62 9.32
N SER A 128 -30.71 -21.81 9.86
CA SER A 128 -30.22 -21.97 11.25
C SER A 128 -28.75 -21.57 11.37
N THR A 129 -28.01 -21.74 10.28
CA THR A 129 -26.60 -21.38 10.25
C THR A 129 -26.45 -19.94 9.77
N GLY A 130 -27.55 -19.36 9.36
CA GLY A 130 -27.54 -17.98 8.87
C GLY A 130 -27.29 -16.97 9.97
N SER A 131 -26.97 -15.75 9.57
CA SER A 131 -26.71 -14.66 10.53
C SER A 131 -27.62 -13.49 10.23
N ALA A 132 -28.50 -13.66 9.25
CA ALA A 132 -29.43 -12.62 8.86
C ALA A 132 -30.80 -12.81 9.49
N ASP A 133 -31.48 -11.69 9.72
CA ASP A 133 -32.80 -11.71 10.31
C ASP A 133 -33.87 -11.45 9.25
N ILE A 134 -34.62 -12.48 8.89
CA ILE A 134 -35.68 -12.39 7.88
C ILE A 134 -36.63 -11.20 8.14
N GLU A 135 -36.87 -10.90 9.41
CA GLU A 135 -37.76 -9.79 9.76
C GLU A 135 -37.24 -8.44 9.29
N GLU A 136 -35.95 -8.18 9.49
CA GLU A 136 -35.36 -6.92 9.07
C GLU A 136 -35.37 -6.81 7.54
N TRP A 137 -35.20 -7.94 6.86
CA TRP A 137 -35.20 -7.93 5.41
C TRP A 137 -36.60 -7.70 4.83
N MET A 138 -37.61 -8.24 5.52
CA MET A 138 -38.97 -8.04 5.07
C MET A 138 -39.34 -6.57 5.31
N ALA A 139 -38.70 -5.97 6.29
CA ALA A 139 -38.92 -4.57 6.62
C ALA A 139 -38.37 -3.73 5.47
N GLY A 140 -37.34 -4.25 4.78
CA GLY A 140 -36.76 -3.56 3.65
C GLY A 140 -37.72 -3.56 2.49
N VAL A 141 -38.40 -4.69 2.32
CA VAL A 141 -39.40 -4.82 1.26
C VAL A 141 -40.50 -3.79 1.51
N ALA A 142 -40.87 -3.64 2.77
CA ALA A 142 -41.89 -2.69 3.17
C ALA A 142 -41.47 -1.26 2.82
N TRP A 143 -40.23 -0.90 3.16
CA TRP A 143 -39.74 0.45 2.87
C TRP A 143 -39.71 0.66 1.36
N LEU A 144 -39.18 -0.33 0.65
CA LEU A 144 -39.05 -0.24 -0.79
C LEU A 144 -40.40 -0.18 -1.52
N HIS A 145 -41.41 -0.83 -0.95
CA HIS A 145 -42.72 -0.81 -1.57
C HIS A 145 -43.36 0.57 -1.39
N CYS A 146 -42.72 1.42 -0.59
CA CYS A 146 -43.24 2.76 -0.37
C CYS A 146 -42.44 3.79 -1.15
N LEU A 147 -41.36 3.33 -1.80
CA LEU A 147 -40.48 4.20 -2.58
C LEU A 147 -41.12 4.66 -3.87
N LEU A 148 -41.93 3.80 -4.48
CA LEU A 148 -42.60 4.13 -5.74
C LEU A 148 -43.96 3.49 -5.81
N PRO A 149 -44.87 4.06 -6.61
CA PRO A 149 -46.22 3.50 -6.74
C PRO A 149 -46.15 2.13 -7.42
N LYS A 150 -46.85 1.14 -6.88
CA LYS A 150 -46.85 -0.20 -7.48
C LYS A 150 -45.43 -0.66 -7.74
N MET A 151 -44.59 -0.57 -6.71
CA MET A 151 -43.19 -0.94 -6.82
C MET A 151 -42.99 -2.36 -7.37
N ASP A 152 -43.76 -3.32 -6.88
CA ASP A 152 -43.58 -4.68 -7.34
C ASP A 152 -43.85 -4.88 -8.83
N SER A 153 -44.66 -4.01 -9.43
CA SER A 153 -44.94 -4.09 -10.86
C SER A 153 -43.83 -3.39 -11.62
N VAL A 154 -43.26 -2.37 -11.00
CA VAL A 154 -42.15 -1.66 -11.62
C VAL A 154 -41.02 -2.68 -11.80
N VAL A 155 -40.71 -3.42 -10.73
CA VAL A 155 -39.65 -4.42 -10.77
C VAL A 155 -40.03 -5.53 -11.75
N TYR A 156 -41.20 -6.12 -11.58
CA TYR A 156 -41.60 -7.19 -12.49
C TYR A 156 -41.52 -6.77 -13.95
N ASP A 157 -42.08 -5.62 -14.28
CA ASP A 157 -42.04 -5.15 -15.66
C ASP A 157 -40.63 -4.89 -16.14
N PHE A 158 -39.78 -4.36 -15.27
CA PHE A 158 -38.40 -4.11 -15.65
C PHE A 158 -37.70 -5.43 -16.04
N LEU A 159 -37.88 -6.45 -15.22
CA LEU A 159 -37.28 -7.76 -15.50
C LEU A 159 -37.70 -8.30 -16.88
N LYS A 160 -39.00 -8.26 -17.20
CA LYS A 160 -39.45 -8.75 -18.50
C LYS A 160 -38.78 -7.93 -19.61
N CYS A 161 -38.69 -6.61 -19.42
CA CYS A 161 -38.05 -5.76 -20.41
C CYS A 161 -36.60 -6.19 -20.65
N MET A 162 -35.85 -6.40 -19.57
CA MET A 162 -34.44 -6.81 -19.68
C MET A 162 -34.30 -8.18 -20.36
N VAL A 163 -35.19 -9.11 -20.04
CA VAL A 163 -35.16 -10.47 -20.62
C VAL A 163 -35.50 -10.48 -22.12
N TYR A 164 -36.60 -9.84 -22.51
CA TYR A 164 -36.99 -9.76 -23.92
C TYR A 164 -35.98 -9.00 -24.77
N ASN A 165 -35.32 -8.03 -24.15
CA ASN A 165 -34.30 -7.26 -24.85
C ASN A 165 -34.73 -6.80 -26.24
N ILE A 166 -35.97 -6.32 -26.35
CA ILE A 166 -36.51 -5.88 -27.64
C ILE A 166 -35.95 -4.55 -28.12
N PRO A 167 -35.47 -4.49 -29.38
CA PRO A 167 -34.92 -3.25 -29.91
C PRO A 167 -35.81 -2.04 -29.63
N LYS A 168 -35.18 -0.92 -29.25
CA LYS A 168 -35.89 0.32 -28.94
C LYS A 168 -36.68 0.26 -27.65
N LYS A 169 -36.75 -0.90 -27.03
CA LYS A 169 -37.48 -1.03 -25.78
C LYS A 169 -36.62 -1.67 -24.69
N ARG A 170 -35.38 -1.20 -24.58
CA ARG A 170 -34.41 -1.73 -23.62
C ARG A 170 -33.97 -0.79 -22.51
N TYR A 171 -34.28 0.50 -22.61
CA TYR A 171 -33.86 1.43 -21.57
C TYR A 171 -34.90 2.20 -20.79
N TRP A 172 -34.71 2.22 -19.47
CA TRP A 172 -35.60 2.91 -18.54
C TRP A 172 -34.83 4.11 -17.96
N LEU A 173 -35.51 5.26 -17.85
CA LEU A 173 -34.87 6.45 -17.31
C LEU A 173 -35.30 6.63 -15.85
N PHE A 174 -34.35 6.63 -14.92
CA PHE A 174 -34.65 6.86 -13.51
C PHE A 174 -34.32 8.33 -13.31
N LYS A 175 -35.32 9.18 -13.04
CA LYS A 175 -35.11 10.63 -12.88
C LYS A 175 -35.73 11.25 -11.63
N GLY A 176 -35.08 12.27 -11.09
CA GLY A 176 -35.56 12.94 -9.88
C GLY A 176 -34.46 13.63 -9.10
N PRO A 177 -34.81 14.40 -8.05
CA PRO A 177 -33.84 15.12 -7.21
C PRO A 177 -32.85 14.17 -6.53
N ILE A 178 -31.78 14.74 -5.98
CA ILE A 178 -30.79 13.96 -5.27
C ILE A 178 -31.44 13.29 -4.08
N ASP A 179 -31.01 12.07 -3.77
CA ASP A 179 -31.56 11.32 -2.65
C ASP A 179 -33.05 11.00 -2.76
N SER A 180 -33.50 10.56 -3.93
CA SER A 180 -34.91 10.21 -4.09
C SER A 180 -35.07 8.70 -4.28
N GLY A 181 -33.95 7.99 -4.40
CA GLY A 181 -34.01 6.55 -4.55
C GLY A 181 -33.51 5.95 -5.84
N LYS A 182 -33.13 6.79 -6.79
CA LYS A 182 -32.66 6.34 -8.10
C LYS A 182 -31.52 5.30 -8.02
N THR A 183 -30.44 5.64 -7.31
CA THR A 183 -29.32 4.71 -7.19
C THR A 183 -29.64 3.50 -6.32
N THR A 184 -30.45 3.73 -5.28
CA THR A 184 -30.83 2.65 -4.38
C THR A 184 -31.51 1.55 -5.20
N LEU A 185 -32.47 1.95 -6.05
CA LEU A 185 -33.19 0.97 -6.87
C LEU A 185 -32.34 0.34 -7.97
N ALA A 186 -31.55 1.16 -8.65
CA ALA A 186 -30.70 0.68 -9.71
C ALA A 186 -29.65 -0.31 -9.17
N ALA A 187 -29.12 -0.02 -7.99
CA ALA A 187 -28.12 -0.89 -7.38
C ALA A 187 -28.75 -2.24 -7.04
N ALA A 188 -29.98 -2.22 -6.51
CA ALA A 188 -30.69 -3.45 -6.16
C ALA A 188 -31.01 -4.24 -7.44
N LEU A 189 -31.33 -3.52 -8.51
CA LEU A 189 -31.63 -4.19 -9.78
C LEU A 189 -30.36 -4.77 -10.39
N LEU A 190 -29.22 -4.11 -10.16
CA LEU A 190 -27.93 -4.58 -10.66
C LEU A 190 -27.57 -5.89 -9.95
N GLU A 191 -27.91 -5.99 -8.68
CA GLU A 191 -27.62 -7.20 -7.91
C GLU A 191 -28.63 -8.29 -8.27
N LEU A 192 -29.87 -7.91 -8.56
CA LEU A 192 -30.89 -8.88 -8.90
C LEU A 192 -30.66 -9.56 -10.26
N CYS A 193 -30.18 -8.79 -11.24
CA CYS A 193 -29.95 -9.33 -12.59
C CYS A 193 -28.48 -9.46 -12.99
N GLY A 194 -27.60 -8.75 -12.29
CA GLY A 194 -26.20 -8.77 -12.64
C GLY A 194 -25.93 -7.74 -13.71
N GLY A 195 -24.72 -7.18 -13.74
CA GLY A 195 -24.36 -6.20 -14.74
C GLY A 195 -23.36 -5.22 -14.18
N LYS A 196 -23.01 -4.20 -14.96
CA LYS A 196 -22.06 -3.21 -14.50
C LYS A 196 -22.63 -1.80 -14.53
N ALA A 197 -22.06 -0.94 -13.69
CA ALA A 197 -22.44 0.47 -13.61
C ALA A 197 -21.39 1.22 -14.42
N LEU A 198 -21.84 2.17 -15.25
CA LEU A 198 -20.93 2.94 -16.07
C LEU A 198 -21.04 4.45 -15.86
N ASN A 199 -19.93 5.15 -16.05
CA ASN A 199 -19.92 6.59 -15.91
C ASN A 199 -19.55 7.14 -17.28
N VAL A 200 -20.52 7.77 -17.95
CA VAL A 200 -20.31 8.34 -19.27
C VAL A 200 -20.03 9.83 -19.22
N ASN A 201 -19.80 10.35 -18.01
CA ASN A 201 -19.50 11.76 -17.85
C ASN A 201 -18.00 11.94 -18.03
N LEU A 202 -17.48 11.40 -19.14
CA LEU A 202 -16.06 11.47 -19.45
C LEU A 202 -15.86 12.16 -20.80
N PRO A 203 -14.59 12.44 -21.16
CA PRO A 203 -14.30 13.10 -22.44
C PRO A 203 -14.51 12.09 -23.56
N LEU A 204 -15.07 12.53 -24.67
CA LEU A 204 -15.32 11.63 -25.81
C LEU A 204 -14.14 10.71 -26.09
N ASP A 205 -12.92 11.22 -25.89
CA ASP A 205 -11.71 10.45 -26.13
C ASP A 205 -11.30 9.66 -24.89
N ARG A 206 -12.24 8.87 -24.37
CA ARG A 206 -12.02 8.06 -23.20
C ARG A 206 -13.28 7.24 -22.92
N LEU A 207 -14.35 7.59 -23.65
CA LEU A 207 -15.63 6.91 -23.51
C LEU A 207 -15.54 5.46 -23.97
N ASN A 208 -14.83 5.24 -25.07
CA ASN A 208 -14.67 3.91 -25.64
C ASN A 208 -14.32 2.85 -24.61
N PHE A 209 -13.37 3.16 -23.74
CA PHE A 209 -12.95 2.21 -22.72
C PHE A 209 -13.99 1.97 -21.65
N GLU A 210 -14.74 3.00 -21.28
CA GLU A 210 -15.80 2.82 -20.27
C GLU A 210 -16.89 1.90 -20.82
N LEU A 211 -17.23 2.09 -22.09
CA LEU A 211 -18.25 1.28 -22.73
C LEU A 211 -17.82 -0.16 -22.84
N GLY A 212 -16.50 -0.39 -22.81
CA GLY A 212 -16.00 -1.75 -22.91
C GLY A 212 -16.35 -2.55 -21.67
N VAL A 213 -16.64 -1.84 -20.59
CA VAL A 213 -17.00 -2.48 -19.33
C VAL A 213 -18.31 -3.26 -19.48
N ALA A 214 -19.11 -2.91 -20.48
CA ALA A 214 -20.40 -3.57 -20.71
C ALA A 214 -20.30 -4.93 -21.40
N ILE A 215 -19.14 -5.23 -21.96
CA ILE A 215 -18.95 -6.51 -22.65
C ILE A 215 -19.45 -7.68 -21.81
N ASP A 216 -20.31 -8.50 -22.41
CA ASP A 216 -20.89 -9.68 -21.78
C ASP A 216 -21.78 -9.45 -20.57
N GLN A 217 -22.12 -8.21 -20.29
CA GLN A 217 -22.99 -7.94 -19.15
C GLN A 217 -24.46 -8.15 -19.50
N PHE A 218 -25.25 -8.63 -18.53
CA PHE A 218 -26.68 -8.87 -18.74
C PHE A 218 -27.40 -7.54 -18.94
N LEU A 219 -27.04 -6.56 -18.12
CA LEU A 219 -27.61 -5.23 -18.23
C LEU A 219 -26.56 -4.23 -17.77
N VAL A 220 -26.79 -2.97 -18.06
CA VAL A 220 -25.84 -1.95 -17.67
C VAL A 220 -26.61 -0.75 -17.12
N VAL A 221 -26.04 -0.08 -16.13
CA VAL A 221 -26.66 1.11 -15.55
C VAL A 221 -25.73 2.30 -15.80
N PHE A 222 -26.23 3.32 -16.47
CA PHE A 222 -25.45 4.53 -16.71
C PHE A 222 -25.74 5.40 -15.49
N GLU A 223 -24.88 5.31 -14.48
CA GLU A 223 -25.05 6.04 -13.22
C GLU A 223 -24.79 7.55 -13.23
N ASP A 224 -25.72 8.27 -12.62
CA ASP A 224 -25.66 9.73 -12.48
C ASP A 224 -25.13 10.48 -13.69
N VAL A 225 -25.83 10.37 -14.82
CA VAL A 225 -25.42 11.07 -16.02
C VAL A 225 -25.78 12.54 -15.85
N LYS A 226 -24.83 13.41 -16.16
CA LYS A 226 -25.04 14.84 -16.01
C LYS A 226 -25.07 15.53 -17.37
N GLY A 227 -25.65 16.73 -17.42
CA GLY A 227 -25.71 17.43 -18.69
C GLY A 227 -25.67 18.94 -18.56
N THR A 228 -25.21 19.60 -19.62
CA THR A 228 -25.13 21.06 -19.65
C THR A 228 -26.52 21.63 -19.93
N GLY A 229 -27.07 22.34 -18.96
CA GLY A 229 -28.39 22.93 -19.14
C GLY A 229 -29.20 22.86 -17.87
N GLY A 230 -29.88 23.95 -17.53
CA GLY A 230 -30.69 23.98 -16.32
C GLY A 230 -29.81 23.81 -15.10
N GLU A 231 -28.51 24.04 -15.31
CA GLU A 231 -27.50 23.92 -14.26
C GLU A 231 -27.68 24.99 -13.19
N SER A 232 -28.75 25.76 -13.31
CA SER A 232 -29.07 26.81 -12.35
C SER A 232 -29.48 26.15 -11.05
N ARG A 233 -30.04 24.95 -11.16
CA ARG A 233 -30.49 24.19 -9.99
C ARG A 233 -29.29 23.64 -9.24
N ASP A 234 -28.18 24.37 -9.28
CA ASP A 234 -26.96 23.96 -8.59
C ASP A 234 -26.47 22.62 -9.18
N LEU A 235 -27.01 22.26 -10.34
CA LEU A 235 -26.63 21.01 -11.00
C LEU A 235 -25.40 21.21 -11.86
N PRO A 236 -24.31 20.49 -11.53
CA PRO A 236 -23.04 20.55 -12.24
C PRO A 236 -23.21 20.31 -13.73
N SER A 237 -22.20 20.70 -14.51
CA SER A 237 -22.23 20.48 -15.94
C SER A 237 -21.55 19.15 -16.21
N GLY A 238 -22.01 18.45 -17.24
CA GLY A 238 -21.42 17.17 -17.57
C GLY A 238 -21.67 16.79 -19.02
N GLN A 239 -20.82 15.91 -19.56
CA GLN A 239 -20.97 15.47 -20.93
C GLN A 239 -21.83 14.21 -21.01
N GLY A 240 -22.20 13.68 -19.86
CA GLY A 240 -23.02 12.48 -19.81
C GLY A 240 -24.17 12.45 -20.81
N ILE A 241 -24.97 13.51 -20.82
CA ILE A 241 -26.12 13.60 -21.71
C ILE A 241 -25.71 13.60 -23.19
N ASN A 242 -24.82 14.51 -23.57
CA ASN A 242 -24.36 14.58 -24.95
C ASN A 242 -23.78 13.27 -25.43
N ASN A 243 -23.03 12.61 -24.56
CA ASN A 243 -22.42 11.33 -24.91
C ASN A 243 -23.46 10.26 -25.17
N LEU A 244 -24.50 10.23 -24.34
CA LEU A 244 -25.57 9.26 -24.52
C LEU A 244 -26.35 9.56 -25.79
N ASP A 245 -26.63 10.85 -26.00
CA ASP A 245 -27.37 11.29 -27.16
C ASP A 245 -26.64 10.89 -28.45
N ASN A 246 -25.38 10.49 -28.33
CA ASN A 246 -24.60 10.10 -29.50
C ASN A 246 -24.36 8.60 -29.54
N LEU A 247 -25.13 7.86 -28.74
CA LEU A 247 -25.00 6.40 -28.66
C LEU A 247 -26.30 5.69 -29.05
N ARG A 248 -27.04 6.27 -29.99
CA ARG A 248 -28.31 5.70 -30.45
C ARG A 248 -28.23 4.21 -30.80
N ASP A 249 -27.29 3.83 -31.65
CA ASP A 249 -27.17 2.44 -32.05
C ASP A 249 -26.87 1.49 -30.88
N TYR A 250 -26.21 2.02 -29.86
CA TYR A 250 -25.91 1.22 -28.67
C TYR A 250 -27.20 1.03 -27.89
N LEU A 251 -27.89 2.11 -27.56
CA LEU A 251 -29.11 2.02 -26.79
C LEU A 251 -30.24 1.25 -27.50
N ASP A 252 -30.42 1.51 -28.79
CA ASP A 252 -31.51 0.82 -29.51
C ASP A 252 -31.36 -0.70 -29.58
N GLY A 253 -30.14 -1.20 -29.72
CA GLY A 253 -29.93 -2.63 -29.76
C GLY A 253 -30.50 -3.40 -30.96
N SER A 254 -30.46 -2.77 -32.14
CA SER A 254 -30.95 -3.40 -33.37
C SER A 254 -29.78 -4.00 -34.11
N VAL A 255 -28.67 -3.30 -34.09
CA VAL A 255 -27.45 -3.73 -34.74
C VAL A 255 -26.35 -3.88 -33.68
N LYS A 256 -25.35 -4.71 -33.98
CA LYS A 256 -24.26 -4.94 -33.03
C LYS A 256 -23.27 -3.77 -33.05
N VAL A 257 -22.62 -3.52 -31.91
CA VAL A 257 -21.62 -2.45 -31.84
C VAL A 257 -20.29 -3.08 -31.43
N ASN A 258 -19.19 -2.38 -31.71
CA ASN A 258 -17.87 -2.91 -31.36
C ASN A 258 -17.44 -2.41 -29.98
N LEU A 259 -17.30 -3.33 -29.02
CA LEU A 259 -16.90 -2.96 -27.67
C LEU A 259 -15.42 -3.28 -27.48
N GLU A 260 -14.66 -2.30 -27.00
CA GLU A 260 -13.22 -2.44 -26.81
C GLU A 260 -12.79 -2.44 -25.33
N LYS A 261 -11.80 -3.26 -25.03
CA LYS A 261 -11.26 -3.38 -23.67
C LYS A 261 -9.90 -4.07 -23.74
N LYS A 262 -8.83 -3.31 -23.47
CA LYS A 262 -7.47 -3.82 -23.51
C LYS A 262 -6.90 -3.73 -24.93
N HIS A 263 -6.91 -2.53 -25.49
CA HIS A 263 -6.42 -2.26 -26.85
C HIS A 263 -6.81 -3.28 -27.92
N LEU A 264 -8.11 -3.62 -27.96
CA LEU A 264 -8.63 -4.58 -28.92
C LEU A 264 -10.13 -4.75 -28.72
N ASN A 265 -10.89 -4.77 -29.80
CA ASN A 265 -12.34 -4.94 -29.72
C ASN A 265 -12.62 -6.37 -29.26
N LYS A 266 -12.47 -6.62 -27.96
CA LYS A 266 -12.70 -7.95 -27.41
C LYS A 266 -13.99 -8.61 -27.92
N ARG A 267 -14.95 -7.82 -28.39
CA ARG A 267 -16.19 -8.38 -28.92
C ARG A 267 -17.22 -7.42 -29.53
N THR A 268 -17.81 -7.88 -30.64
CA THR A 268 -18.85 -7.13 -31.35
C THR A 268 -20.16 -7.78 -30.89
N GLN A 269 -21.05 -7.00 -30.30
CA GLN A 269 -22.30 -7.57 -29.80
C GLN A 269 -23.39 -6.51 -29.69
N ILE A 270 -24.61 -6.98 -29.42
CA ILE A 270 -25.76 -6.11 -29.20
C ILE A 270 -25.45 -5.50 -27.82
N PHE A 271 -25.39 -4.17 -27.72
CA PHE A 271 -25.11 -3.54 -26.43
C PHE A 271 -26.14 -4.00 -25.40
N PRO A 272 -25.75 -4.18 -24.15
CA PRO A 272 -26.81 -4.62 -23.23
C PRO A 272 -27.90 -3.57 -22.99
N PRO A 273 -29.07 -3.99 -22.50
CA PRO A 273 -30.21 -3.10 -22.18
C PRO A 273 -29.91 -2.56 -20.77
N GLY A 274 -30.74 -1.68 -20.25
CA GLY A 274 -30.45 -1.19 -18.91
C GLY A 274 -31.19 0.01 -18.37
N ILE A 275 -30.51 0.72 -17.48
CA ILE A 275 -31.07 1.86 -16.81
C ILE A 275 -30.16 3.08 -16.96
N VAL A 276 -30.73 4.26 -16.80
CA VAL A 276 -29.96 5.50 -16.84
C VAL A 276 -30.47 6.24 -15.61
N THR A 277 -29.62 6.50 -14.61
CA THR A 277 -30.06 7.25 -13.43
C THR A 277 -29.68 8.71 -13.70
N MET A 278 -30.55 9.64 -13.33
CA MET A 278 -30.28 11.04 -13.64
C MET A 278 -31.05 12.02 -12.76
N ASN A 279 -30.38 13.12 -12.40
CA ASN A 279 -30.99 14.16 -11.59
C ASN A 279 -31.92 14.98 -12.49
N GLU A 280 -32.28 16.18 -12.08
CA GLU A 280 -33.21 16.95 -12.88
C GLU A 280 -32.62 17.86 -13.95
N TYR A 281 -32.01 17.23 -14.96
CA TYR A 281 -31.44 17.96 -16.09
C TYR A 281 -32.45 17.93 -17.25
N SER A 282 -32.19 18.70 -18.30
CA SER A 282 -33.08 18.74 -19.46
C SER A 282 -32.66 17.67 -20.46
N VAL A 283 -33.57 16.76 -20.78
CA VAL A 283 -33.27 15.67 -21.72
C VAL A 283 -33.72 16.01 -23.14
N PRO A 284 -32.78 16.05 -24.10
CA PRO A 284 -33.12 16.37 -25.49
C PRO A 284 -34.16 15.41 -26.03
N LYS A 285 -34.82 15.80 -27.12
CA LYS A 285 -35.84 14.96 -27.72
C LYS A 285 -35.24 13.68 -28.29
N THR A 286 -34.10 13.80 -28.97
CA THR A 286 -33.43 12.64 -29.55
C THR A 286 -32.94 11.60 -28.55
N LEU A 287 -32.83 11.99 -27.28
CA LEU A 287 -32.38 11.06 -26.24
C LEU A 287 -33.60 10.52 -25.51
N GLN A 288 -34.58 11.39 -25.28
CA GLN A 288 -35.80 11.02 -24.60
C GLN A 288 -36.45 9.87 -25.38
N ALA A 289 -36.30 9.94 -26.70
CA ALA A 289 -36.86 8.93 -27.61
C ALA A 289 -36.26 7.55 -27.37
N ARG A 290 -35.06 7.53 -26.78
CA ARG A 290 -34.36 6.29 -26.49
C ARG A 290 -34.92 5.49 -25.33
N PHE A 291 -35.75 6.12 -24.50
CA PHE A 291 -36.32 5.42 -23.36
C PHE A 291 -37.77 5.03 -23.63
N VAL A 292 -38.15 3.82 -23.20
CA VAL A 292 -39.51 3.34 -23.35
C VAL A 292 -40.26 3.65 -22.08
N LYS A 293 -39.52 3.98 -21.02
CA LYS A 293 -40.16 4.28 -19.77
C LYS A 293 -39.29 5.20 -18.92
N GLN A 294 -39.95 6.13 -18.25
CA GLN A 294 -39.27 7.06 -17.36
C GLN A 294 -39.99 6.95 -16.03
N ILE A 295 -39.23 6.71 -14.98
CA ILE A 295 -39.79 6.60 -13.64
C ILE A 295 -39.28 7.79 -12.85
N ASP A 296 -40.19 8.49 -12.19
CA ASP A 296 -39.82 9.65 -11.41
C ASP A 296 -39.70 9.28 -9.94
N PHE A 297 -38.60 9.72 -9.33
CA PHE A 297 -38.38 9.47 -7.91
C PHE A 297 -38.53 10.79 -7.16
N ARG A 298 -39.14 10.73 -5.97
CA ARG A 298 -39.34 11.93 -5.16
C ARG A 298 -39.03 11.72 -3.70
N PRO A 299 -38.32 12.67 -3.08
CA PRO A 299 -37.99 12.54 -1.66
C PRO A 299 -39.28 12.49 -0.85
N LYS A 300 -39.25 11.75 0.25
CA LYS A 300 -40.41 11.65 1.13
C LYS A 300 -39.97 11.70 2.58
N ASP A 301 -40.55 12.64 3.35
CA ASP A 301 -40.21 12.80 4.75
C ASP A 301 -40.25 11.48 5.52
N TYR A 302 -41.38 10.78 5.46
CA TYR A 302 -41.51 9.52 6.18
C TYR A 302 -40.45 8.50 5.78
N LEU A 303 -39.95 8.56 4.55
CA LEU A 303 -38.93 7.60 4.14
C LEU A 303 -37.62 7.89 4.87
N LYS A 304 -37.29 9.17 5.00
CA LYS A 304 -36.07 9.58 5.68
C LYS A 304 -36.18 9.31 7.18
N HIS A 305 -37.24 9.84 7.79
CA HIS A 305 -37.49 9.67 9.22
C HIS A 305 -37.62 8.21 9.61
N CYS A 306 -38.21 7.41 8.74
CA CYS A 306 -38.38 5.98 9.01
C CYS A 306 -37.01 5.34 9.15
N LEU A 307 -36.13 5.60 8.19
CA LEU A 307 -34.78 5.06 8.21
C LEU A 307 -34.00 5.44 9.46
N GLU A 308 -34.11 6.70 9.86
CA GLU A 308 -33.40 7.18 11.06
C GLU A 308 -33.74 6.29 12.26
N ARG A 309 -34.94 5.74 12.27
CA ARG A 309 -35.40 4.89 13.36
C ARG A 309 -35.26 3.41 13.01
N SER A 310 -34.71 3.14 11.83
CA SER A 310 -34.49 1.78 11.37
C SER A 310 -33.14 1.72 10.66
N GLU A 311 -32.12 2.18 11.39
CA GLU A 311 -30.74 2.23 10.91
C GLU A 311 -30.28 0.93 10.27
N PHE A 312 -30.73 -0.21 10.79
CA PHE A 312 -30.32 -1.51 10.24
C PHE A 312 -30.53 -1.61 8.72
N LEU A 313 -31.55 -0.92 8.21
CA LEU A 313 -31.82 -0.95 6.78
C LEU A 313 -30.64 -0.46 5.95
N LEU A 314 -29.94 0.54 6.46
CA LEU A 314 -28.77 1.08 5.75
C LEU A 314 -27.49 0.41 6.19
N GLU A 315 -27.39 0.10 7.48
CA GLU A 315 -26.18 -0.52 8.02
C GLU A 315 -25.94 -1.89 7.38
N LYS A 316 -27.00 -2.66 7.17
CA LYS A 316 -26.88 -3.98 6.54
C LYS A 316 -27.12 -3.93 5.02
N ARG A 317 -27.30 -2.72 4.49
CA ARG A 317 -27.51 -2.51 3.05
C ARG A 317 -28.66 -3.37 2.52
N ILE A 318 -29.79 -3.29 3.21
CA ILE A 318 -30.98 -4.05 2.85
C ILE A 318 -31.80 -3.42 1.74
N ILE A 319 -32.04 -2.11 1.83
CA ILE A 319 -32.84 -1.44 0.82
C ILE A 319 -32.22 -1.36 -0.57
N GLN A 320 -30.93 -1.63 -0.69
CA GLN A 320 -30.31 -1.60 -2.01
C GLN A 320 -29.89 -2.99 -2.43
N SER A 321 -30.48 -3.99 -1.79
CA SER A 321 -30.14 -5.39 -2.06
C SER A 321 -31.06 -6.08 -3.06
N GLY A 322 -30.45 -6.91 -3.90
CA GLY A 322 -31.21 -7.66 -4.88
C GLY A 322 -32.06 -8.69 -4.17
N ILE A 323 -31.64 -9.07 -2.96
CA ILE A 323 -32.38 -10.04 -2.17
C ILE A 323 -33.66 -9.44 -1.59
N ALA A 324 -33.68 -8.13 -1.39
CA ALA A 324 -34.88 -7.47 -0.89
C ALA A 324 -35.90 -7.47 -2.04
N LEU A 325 -35.42 -7.26 -3.26
CA LEU A 325 -36.32 -7.24 -4.41
C LEU A 325 -36.85 -8.65 -4.73
N LEU A 326 -36.00 -9.65 -4.56
CA LEU A 326 -36.41 -11.03 -4.83
C LEU A 326 -37.48 -11.40 -3.80
N LEU A 327 -37.29 -10.99 -2.54
CA LEU A 327 -38.28 -11.28 -1.52
C LEU A 327 -39.58 -10.57 -1.88
N MET A 328 -39.46 -9.37 -2.46
CA MET A 328 -40.64 -8.62 -2.84
C MET A 328 -41.42 -9.33 -3.94
N LEU A 329 -40.72 -9.87 -4.92
CA LEU A 329 -41.38 -10.58 -6.02
C LEU A 329 -42.06 -11.85 -5.54
N ILE A 330 -41.40 -12.54 -4.60
CA ILE A 330 -41.91 -13.78 -4.03
C ILE A 330 -43.15 -13.52 -3.19
N TRP A 331 -43.21 -12.36 -2.56
CA TRP A 331 -44.35 -12.01 -1.73
C TRP A 331 -45.54 -11.45 -2.53
N TYR A 332 -45.25 -10.70 -3.58
CA TYR A 332 -46.29 -10.08 -4.41
C TYR A 332 -46.70 -10.76 -5.71
N ARG A 333 -45.76 -11.36 -6.42
CA ARG A 333 -46.11 -11.95 -7.71
C ARG A 333 -46.59 -13.40 -7.70
N PRO A 334 -47.53 -13.73 -8.62
CA PRO A 334 -48.12 -15.06 -8.75
C PRO A 334 -47.04 -16.05 -9.16
N VAL A 335 -47.03 -17.22 -8.52
CA VAL A 335 -46.04 -18.25 -8.81
C VAL A 335 -45.87 -18.44 -10.31
N ALA A 336 -46.97 -18.27 -11.04
CA ALA A 336 -46.99 -18.45 -12.48
C ALA A 336 -46.09 -17.50 -13.27
N GLU A 337 -45.80 -16.34 -12.70
CA GLU A 337 -44.94 -15.37 -13.41
C GLU A 337 -43.47 -15.69 -13.37
N PHE A 338 -43.09 -16.72 -12.59
CA PHE A 338 -41.70 -17.15 -12.50
C PHE A 338 -41.43 -18.27 -13.49
N ALA A 339 -40.16 -18.45 -13.86
CA ALA A 339 -39.78 -19.50 -14.79
C ALA A 339 -40.21 -20.87 -14.26
N GLN A 340 -40.64 -21.74 -15.16
CA GLN A 340 -41.12 -23.06 -14.80
C GLN A 340 -40.15 -23.82 -13.90
N SER A 341 -38.88 -23.86 -14.30
CA SER A 341 -37.86 -24.57 -13.54
C SER A 341 -37.83 -24.22 -12.05
N ILE A 342 -38.00 -22.94 -11.71
CA ILE A 342 -37.95 -22.52 -10.31
C ILE A 342 -39.31 -22.35 -9.64
N GLN A 343 -40.38 -22.36 -10.41
CA GLN A 343 -41.70 -22.20 -9.83
C GLN A 343 -41.93 -23.01 -8.55
N SER A 344 -41.16 -24.08 -8.40
CA SER A 344 -41.28 -24.93 -7.21
C SER A 344 -40.64 -24.27 -5.99
N ARG A 345 -39.45 -23.71 -6.17
CA ARG A 345 -38.74 -23.03 -5.06
C ARG A 345 -39.51 -21.79 -4.62
N ILE A 346 -40.20 -21.16 -5.57
CA ILE A 346 -40.97 -19.96 -5.26
C ILE A 346 -42.15 -20.33 -4.34
N VAL A 347 -42.67 -21.53 -4.53
CA VAL A 347 -43.77 -22.02 -3.71
C VAL A 347 -43.20 -22.31 -2.33
N GLU A 348 -41.98 -22.82 -2.33
CA GLU A 348 -41.28 -23.14 -1.10
C GLU A 348 -41.07 -21.88 -0.26
N TRP A 349 -40.69 -20.77 -0.90
CA TRP A 349 -40.46 -19.52 -0.20
C TRP A 349 -41.72 -18.74 0.14
N LYS A 350 -42.75 -18.88 -0.68
CA LYS A 350 -44.02 -18.20 -0.41
C LYS A 350 -44.64 -18.78 0.85
N GLU A 351 -44.44 -20.08 1.06
CA GLU A 351 -45.00 -20.76 2.22
C GLU A 351 -44.26 -20.43 3.50
N ARG A 352 -42.95 -20.34 3.44
CA ARG A 352 -42.18 -20.03 4.63
C ARG A 352 -42.34 -18.55 4.97
N LEU A 353 -42.62 -17.74 3.97
CA LEU A 353 -42.82 -16.30 4.18
C LEU A 353 -44.15 -16.06 4.87
N ASP A 354 -45.15 -16.90 4.57
CA ASP A 354 -46.46 -16.77 5.18
C ASP A 354 -46.50 -17.37 6.59
N LYS A 355 -45.58 -18.29 6.85
CA LYS A 355 -45.51 -18.92 8.18
C LYS A 355 -44.79 -17.99 9.14
N GLU A 356 -43.98 -17.08 8.62
CA GLU A 356 -43.25 -16.13 9.44
C GLU A 356 -43.84 -14.72 9.41
N PHE A 357 -44.63 -14.41 8.38
CA PHE A 357 -45.25 -13.09 8.29
C PHE A 357 -46.72 -13.14 7.87
N SER A 358 -47.60 -12.75 8.78
CA SER A 358 -49.02 -12.70 8.46
C SER A 358 -49.22 -11.35 7.77
N LEU A 359 -50.32 -11.19 7.04
CA LEU A 359 -50.57 -9.94 6.35
C LEU A 359 -50.64 -8.77 7.34
N SER A 360 -50.99 -9.08 8.59
CA SER A 360 -51.09 -8.09 9.65
C SER A 360 -49.75 -7.43 9.94
N VAL A 361 -48.74 -8.25 10.25
CA VAL A 361 -47.43 -7.70 10.55
C VAL A 361 -46.86 -6.88 9.40
N TYR A 362 -47.04 -7.36 8.16
CA TYR A 362 -46.52 -6.62 7.01
C TYR A 362 -47.21 -5.29 6.81
N GLN A 363 -48.54 -5.28 6.88
CA GLN A 363 -49.26 -4.02 6.68
C GLN A 363 -48.85 -2.97 7.71
N LYS A 364 -48.56 -3.39 8.94
CA LYS A 364 -48.15 -2.43 9.96
C LYS A 364 -46.78 -1.86 9.57
N MET A 365 -45.90 -2.73 9.09
CA MET A 365 -44.56 -2.32 8.65
C MET A 365 -44.68 -1.19 7.64
N LYS A 366 -45.56 -1.39 6.67
CA LYS A 366 -45.79 -0.40 5.62
C LYS A 366 -46.42 0.83 6.25
N PHE A 367 -47.24 0.61 7.27
CA PHE A 367 -47.90 1.71 7.98
C PHE A 367 -46.84 2.54 8.68
N ASN A 368 -45.97 1.87 9.43
CA ASN A 368 -44.92 2.54 10.16
C ASN A 368 -44.01 3.33 9.23
N VAL A 369 -43.77 2.81 8.04
CA VAL A 369 -42.92 3.51 7.08
C VAL A 369 -43.65 4.77 6.65
N ALA A 370 -44.93 4.62 6.34
CA ALA A 370 -45.77 5.74 5.91
C ALA A 370 -45.86 6.80 7.01
N MET A 371 -45.75 6.36 8.27
CA MET A 371 -45.81 7.26 9.40
C MET A 371 -44.41 7.77 9.73
N GLY A 372 -43.39 7.01 9.30
CA GLY A 372 -42.03 7.39 9.58
C GLY A 372 -41.66 7.00 10.99
N ILE A 373 -42.22 5.88 11.43
CA ILE A 373 -41.97 5.38 12.77
C ILE A 373 -40.72 4.50 12.87
N GLY A 374 -40.61 3.50 11.99
CA GLY A 374 -39.45 2.62 12.05
C GLY A 374 -39.80 1.19 11.72
N VAL A 375 -40.51 1.02 10.61
CA VAL A 375 -40.92 -0.30 10.12
C VAL A 375 -41.18 -1.34 11.20
N LEU A 376 -40.12 -1.90 11.78
CA LEU A 376 -40.26 -2.93 12.79
C LEU A 376 -41.00 -2.53 14.07
N ASP A 377 -41.22 -1.23 14.24
CA ASP A 377 -41.91 -0.75 15.43
C ASP A 377 -42.18 0.73 15.27
N LYS B 16 16.39 -34.93 1.82
CA LYS B 16 16.68 -35.24 0.39
C LYS B 16 16.12 -34.15 -0.53
N GLN B 17 14.84 -33.83 -0.36
CA GLN B 17 14.22 -32.79 -1.19
C GLN B 17 13.46 -31.79 -0.33
N VAL B 18 13.49 -30.52 -0.76
CA VAL B 18 12.84 -29.43 -0.04
C VAL B 18 11.33 -29.53 0.08
N SER B 19 10.81 -29.18 1.25
CA SER B 19 9.37 -29.18 1.48
C SER B 19 8.86 -27.78 1.17
N TRP B 20 8.14 -27.63 0.06
CA TRP B 20 7.59 -26.35 -0.32
C TRP B 20 6.54 -25.95 0.69
N LYS B 21 5.84 -26.94 1.21
CA LYS B 21 4.78 -26.73 2.19
C LYS B 21 5.28 -26.00 3.44
N LEU B 22 6.46 -26.40 3.92
CA LEU B 22 7.06 -25.82 5.11
C LEU B 22 7.44 -24.35 4.91
N VAL B 23 7.87 -24.00 3.70
CA VAL B 23 8.23 -22.62 3.38
C VAL B 23 6.96 -21.79 3.35
N THR B 24 5.90 -22.42 2.83
CA THR B 24 4.60 -21.77 2.78
C THR B 24 4.08 -21.53 4.18
N GLU B 25 4.26 -22.53 5.06
CA GLU B 25 3.80 -22.39 6.43
C GLU B 25 4.50 -21.23 7.14
N TYR B 26 5.78 -21.05 6.83
CA TYR B 26 6.55 -19.98 7.44
C TYR B 26 6.05 -18.62 6.94
N ALA B 27 5.87 -18.50 5.63
CA ALA B 27 5.39 -17.25 5.06
C ALA B 27 4.03 -16.89 5.64
N MET B 28 3.19 -17.89 5.89
CA MET B 28 1.87 -17.69 6.46
C MET B 28 1.96 -17.21 7.90
N GLU B 29 2.69 -17.94 8.74
CA GLU B 29 2.81 -17.53 10.13
C GLU B 29 3.47 -16.15 10.24
N THR B 30 4.24 -15.81 9.23
CA THR B 30 4.95 -14.54 9.18
C THR B 30 4.18 -13.47 8.39
N LYS B 31 3.10 -13.88 7.73
CA LYS B 31 2.29 -12.97 6.93
C LYS B 31 3.15 -12.26 5.90
N CYS B 32 4.14 -12.98 5.39
CA CYS B 32 5.06 -12.41 4.40
C CYS B 32 4.57 -12.51 2.96
N ASP B 33 4.37 -11.36 2.33
CA ASP B 33 3.90 -11.33 0.94
C ASP B 33 4.95 -10.71 0.02
N ASP B 34 6.20 -10.71 0.46
CA ASP B 34 7.33 -10.16 -0.30
C ASP B 34 8.25 -11.36 -0.63
N VAL B 35 8.36 -11.70 -1.90
CA VAL B 35 9.16 -12.87 -2.30
C VAL B 35 10.67 -12.78 -1.95
N LEU B 36 11.29 -11.62 -2.20
CA LEU B 36 12.71 -11.46 -1.89
C LEU B 36 12.95 -11.47 -0.38
N LEU B 37 12.02 -10.91 0.39
CA LEU B 37 12.16 -10.89 1.84
C LEU B 37 12.06 -12.33 2.36
N LEU B 38 11.11 -13.07 1.80
CA LEU B 38 10.87 -14.46 2.20
C LEU B 38 12.12 -15.27 1.91
N LEU B 39 12.66 -15.09 0.71
CA LEU B 39 13.86 -15.79 0.30
C LEU B 39 15.01 -15.45 1.30
N GLY B 40 15.24 -14.15 1.52
CA GLY B 40 16.28 -13.71 2.44
C GLY B 40 16.16 -14.30 3.85
N MET B 41 14.95 -14.27 4.41
CA MET B 41 14.69 -14.80 5.73
C MET B 41 14.85 -16.31 5.84
N TYR B 42 14.28 -17.04 4.88
CA TYR B 42 14.40 -18.50 4.95
C TYR B 42 15.85 -18.93 4.82
N LEU B 43 16.64 -18.25 4.00
CA LEU B 43 18.03 -18.61 3.85
C LEU B 43 18.85 -18.45 5.15
N GLU B 44 18.38 -17.62 6.09
CA GLU B 44 19.08 -17.45 7.37
C GLU B 44 18.92 -18.69 8.24
N PHE B 45 17.95 -19.53 7.90
CA PHE B 45 17.71 -20.74 8.68
C PHE B 45 18.60 -21.91 8.27
N GLN B 46 19.42 -21.74 7.24
CA GLN B 46 20.29 -22.82 6.76
C GLN B 46 21.50 -23.07 7.68
N TYR B 47 21.78 -22.10 8.54
CA TYR B 47 22.91 -22.18 9.47
C TYR B 47 22.55 -22.90 10.76
N SER B 48 23.56 -23.44 11.43
CA SER B 48 23.38 -24.13 12.69
C SER B 48 22.49 -23.32 13.63
N PHE B 49 21.52 -23.99 14.24
CA PHE B 49 20.61 -23.35 15.19
C PHE B 49 21.26 -23.38 16.57
N GLU B 50 22.20 -24.29 16.76
CA GLU B 50 22.91 -24.47 18.03
C GLU B 50 23.48 -23.18 18.62
N MET B 51 24.48 -22.61 17.97
CA MET B 51 25.11 -21.38 18.44
C MET B 51 24.70 -20.15 17.66
N CYS B 52 23.47 -20.15 17.14
CA CYS B 52 22.99 -19.00 16.37
C CYS B 52 22.87 -17.78 17.29
N LEU B 53 23.65 -16.76 17.01
CA LEU B 53 23.62 -15.53 17.80
C LEU B 53 22.30 -14.80 17.66
N LYS B 54 21.69 -14.85 16.47
CA LYS B 54 20.42 -14.17 16.24
C LYS B 54 19.33 -14.71 17.14
N CYS B 55 19.31 -16.01 17.35
CA CYS B 55 18.30 -16.63 18.20
C CYS B 55 18.55 -16.34 19.70
N ILE B 56 19.80 -16.44 20.14
CA ILE B 56 20.11 -16.17 21.55
C ILE B 56 19.85 -14.71 21.89
N LYS B 57 20.27 -13.82 21.00
CA LYS B 57 20.06 -12.38 21.21
C LYS B 57 18.59 -11.97 21.04
N LYS B 58 17.74 -12.90 20.61
CA LYS B 58 16.31 -12.63 20.41
C LYS B 58 16.06 -11.32 19.68
N GLU B 59 16.79 -11.12 18.59
CA GLU B 59 16.69 -9.90 17.80
C GLU B 59 15.40 -9.72 16.98
N GLN B 60 15.06 -10.71 16.17
CA GLN B 60 13.88 -10.64 15.30
C GLN B 60 12.98 -11.85 15.50
N PRO B 61 11.73 -11.62 15.95
CA PRO B 61 10.77 -12.70 16.18
C PRO B 61 10.59 -13.55 14.92
N SER B 62 10.56 -12.88 13.76
CA SER B 62 10.38 -13.57 12.49
C SER B 62 11.52 -14.55 12.21
N HIS B 63 12.56 -14.49 13.04
CA HIS B 63 13.71 -15.39 12.89
C HIS B 63 13.85 -16.38 14.06
N TYR B 64 14.02 -15.87 15.28
CA TYR B 64 14.22 -16.74 16.44
C TYR B 64 13.06 -17.67 16.79
N LYS B 65 11.84 -17.29 16.45
CA LYS B 65 10.71 -18.15 16.75
C LYS B 65 10.59 -19.30 15.74
N TYR B 66 11.38 -19.27 14.66
CA TYR B 66 11.28 -20.32 13.63
C TYR B 66 12.56 -21.02 13.20
N HIS B 67 13.73 -20.53 13.58
CA HIS B 67 14.96 -21.15 13.12
C HIS B 67 15.05 -22.64 13.39
N GLU B 68 14.94 -23.03 14.66
CA GLU B 68 15.05 -24.44 15.04
C GLU B 68 14.16 -25.36 14.22
N LYS B 69 12.88 -25.00 14.12
CA LYS B 69 11.92 -25.78 13.38
C LYS B 69 12.23 -25.92 11.89
N HIS B 70 12.70 -24.83 11.27
CA HIS B 70 12.99 -24.85 9.83
C HIS B 70 14.39 -25.19 9.42
N TYR B 71 15.28 -25.34 10.41
CA TYR B 71 16.68 -25.64 10.15
C TYR B 71 16.88 -26.76 9.13
N ALA B 72 16.22 -27.89 9.35
CA ALA B 72 16.39 -29.02 8.43
C ALA B 72 15.93 -28.72 6.99
N ASN B 73 14.74 -28.14 6.84
CA ASN B 73 14.22 -27.81 5.52
C ASN B 73 15.08 -26.74 4.85
N ALA B 74 15.48 -25.74 5.63
CA ALA B 74 16.29 -24.66 5.08
C ALA B 74 17.62 -25.19 4.58
N ALA B 75 18.22 -26.15 5.29
CA ALA B 75 19.50 -26.69 4.85
C ALA B 75 19.37 -27.24 3.44
N ILE B 76 18.26 -27.94 3.20
CA ILE B 76 18.01 -28.51 1.88
C ILE B 76 17.69 -27.37 0.92
N PHE B 77 16.85 -26.44 1.37
CA PHE B 77 16.44 -25.29 0.55
C PHE B 77 17.67 -24.60 -0.02
N ALA B 78 18.68 -24.43 0.83
CA ALA B 78 19.94 -23.77 0.45
C ALA B 78 20.57 -24.35 -0.80
N ASP B 79 20.33 -25.64 -1.02
CA ASP B 79 20.86 -26.33 -2.19
C ASP B 79 19.86 -26.41 -3.34
N SER B 80 18.60 -26.09 -3.07
CA SER B 80 17.59 -26.16 -4.11
C SER B 80 17.92 -25.28 -5.32
N LYS B 81 17.42 -25.68 -6.49
CA LYS B 81 17.66 -24.91 -7.71
C LYS B 81 16.42 -24.12 -8.14
N ASN B 82 15.37 -24.14 -7.32
CA ASN B 82 14.13 -23.43 -7.63
C ASN B 82 13.71 -22.53 -6.48
N GLN B 83 14.68 -21.96 -5.78
CA GLN B 83 14.36 -21.12 -4.64
C GLN B 83 13.28 -20.06 -4.84
N LYS B 84 13.43 -19.20 -5.84
CA LYS B 84 12.41 -18.16 -6.00
C LYS B 84 11.04 -18.73 -6.31
N THR B 85 11.00 -19.78 -7.12
CA THR B 85 9.71 -20.38 -7.49
C THR B 85 9.00 -20.88 -6.24
N ILE B 86 9.75 -21.50 -5.34
CA ILE B 86 9.19 -21.98 -4.08
C ILE B 86 8.65 -20.82 -3.27
N CYS B 87 9.40 -19.72 -3.20
CA CYS B 87 8.95 -18.57 -2.45
C CYS B 87 7.71 -17.92 -3.06
N GLN B 88 7.63 -17.87 -4.38
CA GLN B 88 6.46 -17.24 -5.00
C GLN B 88 5.18 -17.98 -4.67
N GLN B 89 5.22 -19.30 -4.67
CA GLN B 89 4.04 -20.07 -4.33
C GLN B 89 3.68 -19.81 -2.87
N ALA B 90 4.68 -19.61 -2.02
CA ALA B 90 4.41 -19.33 -0.61
C ALA B 90 3.70 -17.98 -0.54
N VAL B 91 4.23 -16.99 -1.25
CA VAL B 91 3.66 -15.65 -1.24
C VAL B 91 2.24 -15.66 -1.81
N ASP B 92 2.02 -16.47 -2.85
CA ASP B 92 0.67 -16.54 -3.43
C ASP B 92 -0.31 -17.10 -2.41
N THR B 93 0.14 -18.06 -1.59
CA THR B 93 -0.73 -18.62 -0.57
C THR B 93 -1.11 -17.51 0.44
N VAL B 94 -0.17 -16.61 0.73
CA VAL B 94 -0.47 -15.54 1.67
C VAL B 94 -1.47 -14.60 1.00
N LEU B 95 -1.26 -14.29 -0.28
CA LEU B 95 -2.18 -13.41 -1.01
C LEU B 95 -3.58 -14.05 -1.13
N ALA B 96 -3.64 -15.37 -1.32
CA ALA B 96 -4.90 -16.11 -1.42
C ALA B 96 -5.70 -16.00 -0.12
N LYS B 97 -5.02 -16.15 1.01
CA LYS B 97 -5.69 -16.05 2.30
C LYS B 97 -6.27 -14.63 2.49
N LYS B 98 -5.55 -13.60 2.03
CA LYS B 98 -6.07 -12.23 2.16
C LYS B 98 -7.33 -12.12 1.28
N ARG B 99 -7.25 -12.72 0.10
CA ARG B 99 -8.33 -12.75 -0.87
C ARG B 99 -9.57 -13.32 -0.18
N VAL B 100 -9.41 -14.50 0.40
CA VAL B 100 -10.52 -15.15 1.11
C VAL B 100 -11.11 -14.29 2.22
N ASP B 101 -10.24 -13.78 3.11
CA ASP B 101 -10.70 -12.96 4.21
C ASP B 101 -11.47 -11.75 3.72
N SER B 102 -10.91 -11.09 2.70
CA SER B 102 -11.53 -9.91 2.14
C SER B 102 -12.98 -10.18 1.69
N LEU B 103 -13.22 -11.35 1.12
CA LEU B 103 -14.55 -11.69 0.65
C LEU B 103 -15.46 -12.36 1.67
N GLN B 104 -14.89 -12.99 2.68
CA GLN B 104 -15.76 -13.69 3.62
C GLN B 104 -15.96 -13.13 5.01
N LEU B 105 -14.98 -12.42 5.53
CA LEU B 105 -15.12 -11.87 6.88
C LEU B 105 -16.00 -10.62 6.92
N THR B 106 -16.71 -10.43 8.01
CA THR B 106 -17.53 -9.24 8.17
C THR B 106 -16.52 -8.10 8.38
N ARG B 107 -16.96 -6.85 8.27
CA ARG B 107 -16.06 -5.72 8.45
C ARG B 107 -15.48 -5.65 9.86
N GLU B 108 -16.26 -6.04 10.86
CA GLU B 108 -15.75 -6.00 12.23
C GLU B 108 -14.67 -7.05 12.42
N GLN B 109 -14.89 -8.24 11.88
CA GLN B 109 -13.90 -9.32 11.99
C GLN B 109 -12.58 -8.90 11.36
N MET B 110 -12.64 -8.18 10.24
CA MET B 110 -11.43 -7.71 9.59
C MET B 110 -10.66 -6.85 10.62
N LEU B 111 -11.39 -5.95 11.27
CA LEU B 111 -10.80 -5.04 12.28
C LEU B 111 -10.25 -5.81 13.47
N THR B 112 -11.04 -6.76 13.98
CA THR B 112 -10.63 -7.57 15.12
C THR B 112 -9.34 -8.31 14.79
N ASN B 113 -9.19 -8.72 13.54
CA ASN B 113 -7.99 -9.43 13.12
C ASN B 113 -6.78 -8.51 13.16
N ARG B 114 -6.99 -7.27 12.70
CA ARG B 114 -5.94 -6.27 12.69
C ARG B 114 -5.50 -5.97 14.13
N PHE B 115 -6.47 -5.85 15.02
CA PHE B 115 -6.19 -5.58 16.42
C PHE B 115 -5.35 -6.70 17.03
N ASN B 116 -5.68 -7.95 16.69
CA ASN B 116 -4.92 -9.08 17.20
C ASN B 116 -3.49 -9.07 16.67
N ASP B 117 -3.29 -8.60 15.45
CA ASP B 117 -1.94 -8.53 14.89
C ASP B 117 -1.12 -7.47 15.60
N LEU B 118 -1.76 -6.35 15.93
CA LEU B 118 -1.10 -5.26 16.63
C LEU B 118 -0.78 -5.69 18.06
N LEU B 119 -1.70 -6.40 18.71
CA LEU B 119 -1.44 -6.87 20.07
C LEU B 119 -0.26 -7.84 20.13
N ASP B 120 -0.05 -8.62 19.06
CA ASP B 120 1.07 -9.56 19.02
C ASP B 120 2.34 -8.73 18.96
N ARG B 121 2.28 -7.66 18.18
CA ARG B 121 3.40 -6.77 18.01
C ARG B 121 3.68 -6.09 19.36
N MET B 122 2.61 -5.77 20.08
CA MET B 122 2.71 -5.12 21.36
C MET B 122 3.28 -6.05 22.43
N ASP B 123 2.83 -7.31 22.42
CA ASP B 123 3.33 -8.27 23.40
C ASP B 123 4.84 -8.33 23.37
N ILE B 124 5.41 -8.25 22.19
CA ILE B 124 6.84 -8.31 22.02
C ILE B 124 7.55 -7.02 22.43
N MET B 125 7.21 -5.92 21.77
CA MET B 125 7.85 -4.62 22.07
C MET B 125 7.77 -4.24 23.53
N PHE B 126 6.68 -4.59 24.21
CA PHE B 126 6.54 -4.26 25.62
C PHE B 126 6.87 -5.46 26.49
N GLY B 127 7.46 -6.49 25.87
CA GLY B 127 7.83 -7.69 26.60
C GLY B 127 9.32 -7.82 26.85
N SER B 128 9.75 -8.98 27.32
CA SER B 128 11.16 -9.23 27.62
C SER B 128 12.08 -9.13 26.40
N THR B 129 11.51 -9.29 25.20
CA THR B 129 12.30 -9.18 23.97
C THR B 129 12.93 -7.79 23.96
N GLY B 130 12.43 -6.95 24.87
CA GLY B 130 12.91 -5.60 25.07
C GLY B 130 13.12 -4.73 23.85
N SER B 131 12.58 -3.51 23.92
CA SER B 131 12.72 -2.57 22.82
C SER B 131 11.95 -1.29 23.15
N ALA B 132 10.70 -1.44 23.54
CA ALA B 132 9.84 -0.29 23.84
C ALA B 132 9.57 -0.06 25.32
N ASP B 133 9.49 1.21 25.69
CA ASP B 133 9.21 1.63 27.06
C ASP B 133 7.73 1.94 27.10
N ILE B 134 6.93 1.07 27.72
CA ILE B 134 5.50 1.28 27.76
C ILE B 134 5.10 2.62 28.39
N GLU B 135 6.02 3.22 29.14
CA GLU B 135 5.76 4.52 29.79
C GLU B 135 5.73 5.64 28.74
N GLU B 136 6.66 5.57 27.79
CA GLU B 136 6.76 6.57 26.74
C GLU B 136 5.58 6.46 25.78
N TRP B 137 5.02 5.26 25.66
CA TRP B 137 3.88 5.09 24.76
C TRP B 137 2.60 5.64 25.39
N MET B 138 2.40 5.42 26.70
CA MET B 138 1.23 5.97 27.36
C MET B 138 1.30 7.50 27.30
N ALA B 139 2.52 8.04 27.34
CA ALA B 139 2.73 9.48 27.23
C ALA B 139 2.21 9.89 25.84
N GLY B 140 2.38 8.99 24.87
CA GLY B 140 1.90 9.24 23.52
C GLY B 140 0.39 9.30 23.53
N VAL B 141 -0.22 8.43 24.33
CA VAL B 141 -1.68 8.39 24.47
C VAL B 141 -2.17 9.70 25.10
N ALA B 142 -1.44 10.20 26.09
CA ALA B 142 -1.80 11.45 26.74
C ALA B 142 -1.76 12.60 25.75
N TRP B 143 -0.66 12.73 25.00
CA TRP B 143 -0.50 13.80 24.03
C TRP B 143 -1.59 13.77 22.97
N LEU B 144 -1.82 12.59 22.41
CA LEU B 144 -2.85 12.44 21.39
C LEU B 144 -4.23 12.75 21.95
N HIS B 145 -4.40 12.52 23.25
CA HIS B 145 -5.70 12.79 23.86
C HIS B 145 -5.93 14.28 24.12
N CYS B 146 -4.97 15.12 23.75
CA CYS B 146 -5.10 16.56 23.95
C CYS B 146 -5.10 17.25 22.59
N LEU B 147 -5.03 16.45 21.53
CA LEU B 147 -5.01 16.98 20.18
C LEU B 147 -6.42 17.32 19.70
N LEU B 148 -7.41 16.62 20.27
CA LEU B 148 -8.80 16.82 19.87
C LEU B 148 -9.70 16.59 21.07
N PRO B 149 -10.87 17.27 21.12
CA PRO B 149 -11.76 17.08 22.27
C PRO B 149 -12.33 15.65 22.19
N LYS B 150 -12.49 14.99 23.33
CA LYS B 150 -13.03 13.61 23.37
C LYS B 150 -12.40 12.74 22.29
N MET B 151 -11.06 12.76 22.25
CA MET B 151 -10.30 12.00 21.27
C MET B 151 -10.65 10.51 21.21
N ASP B 152 -10.81 9.85 22.35
CA ASP B 152 -11.12 8.43 22.31
C ASP B 152 -12.49 8.16 21.67
N SER B 153 -13.45 9.08 21.87
CA SER B 153 -14.77 8.91 21.28
C SER B 153 -14.67 9.14 19.78
N VAL B 154 -13.81 10.08 19.40
CA VAL B 154 -13.58 10.40 17.99
C VAL B 154 -13.06 9.13 17.28
N VAL B 155 -12.09 8.47 17.90
CA VAL B 155 -11.53 7.26 17.32
C VAL B 155 -12.63 6.18 17.27
N TYR B 156 -13.30 5.95 18.39
CA TYR B 156 -14.34 4.94 18.44
C TYR B 156 -15.39 5.13 17.36
N ASP B 157 -15.87 6.37 17.24
CA ASP B 157 -16.90 6.70 16.25
C ASP B 157 -16.36 6.52 14.85
N PHE B 158 -15.09 6.82 14.64
CA PHE B 158 -14.50 6.65 13.32
C PHE B 158 -14.48 5.17 12.96
N LEU B 159 -14.06 4.33 13.91
CA LEU B 159 -14.03 2.89 13.67
C LEU B 159 -15.42 2.38 13.31
N LYS B 160 -16.43 2.77 14.06
CA LYS B 160 -17.80 2.33 13.76
C LYS B 160 -18.20 2.77 12.35
N CYS B 161 -17.86 4.01 11.98
CA CYS B 161 -18.21 4.51 10.65
C CYS B 161 -17.51 3.67 9.57
N MET B 162 -16.27 3.27 9.83
CA MET B 162 -15.55 2.46 8.86
C MET B 162 -16.12 1.05 8.74
N VAL B 163 -16.52 0.47 9.87
CA VAL B 163 -17.10 -0.87 9.86
C VAL B 163 -18.51 -0.91 9.25
N TYR B 164 -19.38 -0.01 9.69
CA TYR B 164 -20.73 0.05 9.16
C TYR B 164 -20.69 0.27 7.65
N ASN B 165 -19.78 1.13 7.19
CA ASN B 165 -19.62 1.34 5.75
C ASN B 165 -20.96 1.67 5.03
N ILE B 166 -21.67 2.67 5.55
CA ILE B 166 -22.96 3.09 5.01
C ILE B 166 -22.85 3.99 3.76
N PRO B 167 -23.61 3.67 2.70
CA PRO B 167 -23.58 4.45 1.46
C PRO B 167 -23.77 5.95 1.69
N LYS B 168 -22.89 6.77 1.11
CA LYS B 168 -22.92 8.23 1.26
C LYS B 168 -22.58 8.73 2.67
N LYS B 169 -22.32 7.80 3.59
CA LYS B 169 -21.97 8.16 4.97
C LYS B 169 -20.67 7.47 5.39
N ARG B 170 -19.69 7.42 4.50
CA ARG B 170 -18.42 6.72 4.76
C ARG B 170 -17.13 7.56 4.74
N TYR B 171 -17.22 8.86 4.57
CA TYR B 171 -15.99 9.65 4.57
C TYR B 171 -15.95 10.81 5.54
N TRP B 172 -14.83 10.93 6.25
CA TRP B 172 -14.63 12.00 7.20
C TRP B 172 -13.62 12.96 6.60
N LEU B 173 -13.76 14.24 6.92
CA LEU B 173 -12.86 15.26 6.42
C LEU B 173 -12.01 15.82 7.55
N PHE B 174 -10.69 15.70 7.41
CA PHE B 174 -9.76 16.25 8.40
C PHE B 174 -9.33 17.58 7.80
N LYS B 175 -9.71 18.69 8.42
CA LYS B 175 -9.36 20.01 7.90
C LYS B 175 -8.75 20.97 8.93
N GLY B 176 -7.76 21.74 8.50
CA GLY B 176 -7.13 22.68 9.41
C GLY B 176 -5.79 23.20 8.90
N PRO B 177 -5.18 24.18 9.58
CA PRO B 177 -3.89 24.75 9.16
C PRO B 177 -2.75 23.73 9.19
N ILE B 178 -1.67 24.03 8.49
CA ILE B 178 -0.50 23.16 8.49
C ILE B 178 -0.10 22.96 9.96
N ASP B 179 0.59 21.85 10.25
CA ASP B 179 1.03 21.54 11.61
C ASP B 179 -0.07 21.53 12.68
N SER B 180 -1.25 21.03 12.34
CA SER B 180 -2.34 20.94 13.31
C SER B 180 -2.68 19.51 13.73
N GLY B 181 -2.00 18.54 13.11
CA GLY B 181 -2.23 17.15 13.47
C GLY B 181 -3.00 16.24 12.52
N LYS B 182 -3.39 16.77 11.35
CA LYS B 182 -4.14 16.01 10.36
C LYS B 182 -3.44 14.73 9.90
N THR B 183 -2.23 14.88 9.39
CA THR B 183 -1.45 13.74 8.91
C THR B 183 -1.09 12.80 10.06
N THR B 184 -0.84 13.38 11.21
CA THR B 184 -0.50 12.59 12.39
C THR B 184 -1.62 11.61 12.74
N LEU B 185 -2.81 12.13 12.98
CA LEU B 185 -3.93 11.29 13.34
C LEU B 185 -4.32 10.33 12.20
N ALA B 186 -4.33 10.83 10.98
CA ALA B 186 -4.70 9.99 9.84
C ALA B 186 -3.70 8.85 9.67
N ALA B 187 -2.42 9.11 9.93
CA ALA B 187 -1.40 8.07 9.81
C ALA B 187 -1.62 6.99 10.89
N ALA B 188 -1.92 7.42 12.11
CA ALA B 188 -2.14 6.49 13.21
C ALA B 188 -3.42 5.67 12.98
N LEU B 189 -4.44 6.28 12.40
CA LEU B 189 -5.70 5.58 12.14
C LEU B 189 -5.50 4.57 11.00
N LEU B 190 -4.67 4.96 10.05
CA LEU B 190 -4.36 4.11 8.91
C LEU B 190 -3.65 2.83 9.37
N GLU B 191 -2.80 2.97 10.37
CA GLU B 191 -2.08 1.81 10.89
C GLU B 191 -2.95 0.99 11.83
N LEU B 192 -3.86 1.65 12.53
CA LEU B 192 -4.74 0.95 13.45
C LEU B 192 -5.76 0.09 12.74
N CYS B 193 -6.15 0.51 11.53
CA CYS B 193 -7.17 -0.20 10.76
C CYS B 193 -6.64 -1.00 9.59
N GLY B 194 -5.60 -0.46 8.97
CA GLY B 194 -5.03 -1.08 7.79
C GLY B 194 -5.59 -0.24 6.66
N GLY B 195 -4.92 -0.20 5.52
CA GLY B 195 -5.43 0.61 4.43
C GLY B 195 -4.32 1.29 3.69
N LYS B 196 -4.68 2.14 2.74
CA LYS B 196 -3.68 2.84 1.94
C LYS B 196 -3.97 4.31 1.83
N ALA B 197 -2.91 5.09 1.69
CA ALA B 197 -3.03 6.53 1.52
C ALA B 197 -2.95 6.74 0.03
N LEU B 198 -3.76 7.65 -0.51
CA LEU B 198 -3.75 7.89 -1.93
C LEU B 198 -3.60 9.37 -2.25
N ASN B 199 -2.97 9.64 -3.39
CA ASN B 199 -2.78 11.00 -3.85
C ASN B 199 -3.73 11.23 -5.02
N VAL B 200 -4.72 12.08 -4.78
CA VAL B 200 -5.74 12.37 -5.78
C VAL B 200 -5.48 13.67 -6.53
N ASN B 201 -4.32 14.27 -6.29
CA ASN B 201 -3.95 15.51 -6.95
C ASN B 201 -3.41 15.23 -8.35
N LEU B 202 -3.05 13.98 -8.62
CA LEU B 202 -2.54 13.56 -9.91
C LEU B 202 -3.47 13.96 -11.04
N PRO B 203 -2.94 14.02 -12.29
CA PRO B 203 -3.73 14.39 -13.46
C PRO B 203 -4.81 13.35 -13.77
N LEU B 204 -5.86 13.78 -14.46
CA LEU B 204 -6.96 12.89 -14.80
C LEU B 204 -6.57 11.81 -15.82
N ASP B 205 -5.28 11.47 -15.89
CA ASP B 205 -4.83 10.44 -16.82
C ASP B 205 -3.90 9.42 -16.17
N ARG B 206 -3.88 9.43 -14.84
CA ARG B 206 -3.06 8.51 -14.06
C ARG B 206 -3.73 8.25 -12.72
N LEU B 207 -4.76 9.03 -12.43
CA LEU B 207 -5.52 8.91 -11.19
C LEU B 207 -6.15 7.53 -11.06
N ASN B 208 -6.02 6.72 -12.11
CA ASN B 208 -6.59 5.37 -12.10
C ASN B 208 -5.66 4.35 -11.48
N PHE B 209 -4.42 4.35 -11.92
CA PHE B 209 -3.44 3.40 -11.39
C PHE B 209 -3.32 3.59 -9.89
N GLU B 210 -3.69 4.78 -9.42
CA GLU B 210 -3.65 5.11 -8.00
C GLU B 210 -4.84 4.48 -7.26
N LEU B 211 -6.05 4.78 -7.75
CA LEU B 211 -7.27 4.26 -7.16
C LEU B 211 -7.26 2.74 -7.12
N GLY B 212 -6.38 2.15 -7.92
CA GLY B 212 -6.30 0.71 -7.97
C GLY B 212 -5.63 0.09 -6.75
N VAL B 213 -4.95 0.91 -5.97
CA VAL B 213 -4.26 0.45 -4.76
C VAL B 213 -5.28 0.13 -3.66
N ALA B 214 -6.50 0.67 -3.80
CA ALA B 214 -7.57 0.46 -2.81
C ALA B 214 -8.13 -0.96 -2.79
N ILE B 215 -7.91 -1.70 -3.87
CA ILE B 215 -8.42 -3.05 -3.96
C ILE B 215 -8.10 -3.90 -2.71
N ASP B 216 -9.14 -4.49 -2.13
CA ASP B 216 -9.01 -5.33 -0.94
C ASP B 216 -8.67 -4.56 0.34
N GLN B 217 -8.51 -3.24 0.22
CA GLN B 217 -8.17 -2.40 1.36
C GLN B 217 -9.37 -2.11 2.27
N PHE B 218 -9.12 -2.09 3.57
CA PHE B 218 -10.18 -1.83 4.54
C PHE B 218 -10.59 -0.37 4.54
N LEU B 219 -9.61 0.49 4.35
CA LEU B 219 -9.83 1.93 4.39
C LEU B 219 -8.85 2.65 3.49
N VAL B 220 -9.21 3.90 3.15
CA VAL B 220 -8.38 4.71 2.29
C VAL B 220 -8.29 6.12 2.82
N VAL B 221 -7.10 6.70 2.71
CA VAL B 221 -6.92 8.07 3.15
C VAL B 221 -6.44 8.88 1.96
N PHE B 222 -7.18 9.95 1.66
CA PHE B 222 -6.80 10.85 0.58
C PHE B 222 -5.98 11.94 1.25
N GLU B 223 -4.70 11.65 1.39
CA GLU B 223 -3.76 12.55 2.05
C GLU B 223 -3.42 13.84 1.33
N ASP B 224 -3.55 14.94 2.06
CA ASP B 224 -3.23 16.27 1.57
C ASP B 224 -3.81 16.54 0.19
N VAL B 225 -5.12 16.73 0.15
CA VAL B 225 -5.81 17.04 -1.10
C VAL B 225 -5.72 18.54 -1.31
N LYS B 226 -5.05 18.94 -2.39
CA LYS B 226 -4.88 20.35 -2.72
C LYS B 226 -5.99 20.88 -3.62
N GLY B 227 -6.51 22.05 -3.27
CA GLY B 227 -7.56 22.66 -4.06
C GLY B 227 -7.07 23.79 -4.93
N THR B 228 -7.88 24.83 -5.05
CA THR B 228 -7.53 26.00 -5.86
C THR B 228 -8.24 27.23 -5.30
N GLY B 229 -9.17 27.02 -4.39
CA GLY B 229 -9.90 28.12 -3.79
C GLY B 229 -9.16 28.78 -2.63
N GLY B 230 -8.86 30.07 -2.76
CA GLY B 230 -8.15 30.76 -1.70
C GLY B 230 -6.66 30.48 -1.69
N GLU B 231 -6.05 30.38 -2.88
CA GLU B 231 -4.62 30.11 -3.01
C GLU B 231 -3.77 31.35 -2.70
N SER B 232 -4.41 32.39 -2.17
CA SER B 232 -3.74 33.62 -1.81
C SER B 232 -3.23 33.52 -0.38
N ARG B 233 -3.45 32.36 0.23
CA ARG B 233 -3.01 32.10 1.61
C ARG B 233 -1.79 31.17 1.60
N ASP B 234 -0.87 31.43 0.68
CA ASP B 234 0.33 30.61 0.56
C ASP B 234 -0.04 29.17 0.25
N LEU B 235 -1.33 28.93 0.01
CA LEU B 235 -1.83 27.59 -0.29
C LEU B 235 -1.55 27.20 -1.74
N PRO B 236 -0.70 26.19 -1.94
CA PRO B 236 -0.32 25.68 -3.27
C PRO B 236 -1.53 25.35 -4.15
N SER B 237 -1.25 24.97 -5.40
CA SER B 237 -2.30 24.63 -6.35
C SER B 237 -2.33 23.14 -6.64
N GLY B 238 -3.53 22.58 -6.67
CA GLY B 238 -3.71 21.16 -6.93
C GLY B 238 -5.06 20.82 -7.52
N GLN B 239 -5.14 19.66 -8.18
CA GLN B 239 -6.38 19.22 -8.80
C GLN B 239 -7.13 18.25 -7.89
N GLY B 240 -6.45 17.82 -6.83
CA GLY B 240 -7.04 16.88 -5.89
C GLY B 240 -8.51 17.09 -5.56
N ILE B 241 -8.90 18.32 -5.29
CA ILE B 241 -10.29 18.61 -4.93
C ILE B 241 -11.28 18.32 -6.05
N ASN B 242 -10.96 18.81 -7.25
CA ASN B 242 -11.82 18.58 -8.42
C ASN B 242 -11.82 17.11 -8.77
N ASN B 243 -10.64 16.51 -8.83
CA ASN B 243 -10.51 15.09 -9.15
C ASN B 243 -11.22 14.25 -8.08
N LEU B 244 -11.61 14.91 -7.00
CA LEU B 244 -12.30 14.24 -5.90
C LEU B 244 -13.81 14.45 -6.04
N ASP B 245 -14.19 15.64 -6.47
CA ASP B 245 -15.60 15.97 -6.65
C ASP B 245 -16.15 15.27 -7.89
N ASN B 246 -15.30 14.46 -8.53
CA ASN B 246 -15.68 13.73 -9.72
C ASN B 246 -15.69 12.23 -9.42
N LEU B 247 -15.30 11.89 -8.20
CA LEU B 247 -15.27 10.48 -7.79
C LEU B 247 -16.45 10.20 -6.88
N ARG B 248 -17.51 10.99 -7.05
CA ARG B 248 -18.74 10.86 -6.26
C ARG B 248 -19.20 9.42 -6.08
N ASP B 249 -19.14 8.63 -7.15
CA ASP B 249 -19.56 7.24 -7.09
C ASP B 249 -18.58 6.39 -6.30
N TYR B 250 -17.33 6.84 -6.23
CA TYR B 250 -16.31 6.13 -5.48
C TYR B 250 -16.51 6.39 -3.98
N LEU B 251 -16.66 7.67 -3.64
CA LEU B 251 -16.86 8.10 -2.25
C LEU B 251 -18.18 7.58 -1.67
N ASP B 252 -19.25 7.68 -2.44
CA ASP B 252 -20.56 7.22 -2.00
C ASP B 252 -20.58 5.74 -1.65
N GLY B 253 -19.88 4.94 -2.44
CA GLY B 253 -19.86 3.52 -2.17
C GLY B 253 -21.22 2.86 -2.32
N SER B 254 -22.07 3.41 -3.18
CA SER B 254 -23.41 2.84 -3.41
C SER B 254 -23.28 1.69 -4.41
N VAL B 255 -22.71 2.00 -5.57
CA VAL B 255 -22.50 0.99 -6.59
C VAL B 255 -21.02 0.61 -6.62
N LYS B 256 -20.73 -0.59 -7.12
CA LYS B 256 -19.36 -1.05 -7.21
C LYS B 256 -18.64 -0.26 -8.30
N VAL B 257 -17.32 -0.20 -8.21
CA VAL B 257 -16.50 0.50 -9.19
C VAL B 257 -15.45 -0.48 -9.69
N ASN B 258 -14.88 -0.19 -10.86
CA ASN B 258 -13.85 -1.03 -11.44
C ASN B 258 -12.47 -0.48 -11.12
N LEU B 259 -11.68 -1.25 -10.38
CA LEU B 259 -10.34 -0.82 -9.99
C LEU B 259 -9.27 -1.78 -10.51
N GLU B 260 -8.11 -1.23 -10.90
CA GLU B 260 -7.01 -2.06 -11.38
C GLU B 260 -5.66 -1.39 -11.16
N LYS B 261 -4.68 -2.20 -10.74
CA LYS B 261 -3.33 -1.72 -10.51
C LYS B 261 -2.40 -2.37 -11.52
N LYS B 262 -2.29 -1.78 -12.70
CA LYS B 262 -1.45 -2.33 -13.75
C LYS B 262 -2.07 -3.66 -14.15
N HIS B 263 -1.27 -4.54 -14.74
CA HIS B 263 -1.78 -5.86 -15.16
C HIS B 263 -1.62 -6.84 -13.99
N LEU B 264 -0.99 -6.36 -12.93
CA LEU B 264 -0.73 -7.15 -11.74
C LEU B 264 -1.98 -7.52 -10.93
N ASN B 265 -3.07 -6.78 -11.14
CA ASN B 265 -4.32 -7.04 -10.43
C ASN B 265 -5.46 -6.12 -10.88
N LYS B 266 -6.68 -6.66 -10.85
CA LYS B 266 -7.90 -5.94 -11.23
C LYS B 266 -9.06 -6.49 -10.42
N ARG B 267 -10.04 -5.64 -10.10
CA ARG B 267 -11.18 -6.10 -9.32
C ARG B 267 -12.29 -5.06 -9.21
N THR B 268 -13.54 -5.53 -9.32
CA THR B 268 -14.71 -4.68 -9.21
C THR B 268 -15.22 -4.82 -7.78
N GLN B 269 -15.54 -3.69 -7.15
CA GLN B 269 -15.98 -3.70 -5.76
C GLN B 269 -16.43 -2.31 -5.36
N ILE B 270 -17.00 -2.21 -4.17
CA ILE B 270 -17.39 -0.91 -3.65
C ILE B 270 -16.05 -0.33 -3.17
N PHE B 271 -15.79 0.94 -3.48
CA PHE B 271 -14.57 1.60 -3.08
C PHE B 271 -14.57 1.66 -1.55
N PRO B 272 -13.41 1.41 -0.90
CA PRO B 272 -13.38 1.46 0.57
C PRO B 272 -13.73 2.84 1.11
N PRO B 273 -14.21 2.92 2.36
CA PRO B 273 -14.55 4.20 2.98
C PRO B 273 -13.23 4.82 3.43
N GLY B 274 -13.27 5.96 4.13
CA GLY B 274 -12.02 6.56 4.56
C GLY B 274 -12.02 7.99 5.07
N ILE B 275 -10.92 8.67 4.78
CA ILE B 275 -10.72 10.04 5.21
C ILE B 275 -10.09 10.87 4.11
N VAL B 276 -10.29 12.18 4.19
CA VAL B 276 -9.69 13.11 3.26
C VAL B 276 -9.10 14.19 4.15
N THR B 277 -7.83 14.53 3.93
CA THR B 277 -7.19 15.56 4.73
C THR B 277 -6.76 16.73 3.85
N MET B 278 -7.00 17.95 4.31
CA MET B 278 -6.62 19.14 3.54
C MET B 278 -6.38 20.35 4.43
N ASN B 279 -5.57 21.29 3.94
CA ASN B 279 -5.24 22.51 4.68
C ASN B 279 -6.21 23.62 4.34
N GLU B 280 -7.28 23.73 5.12
CA GLU B 280 -8.29 24.77 4.94
C GLU B 280 -8.32 25.46 3.57
N TYR B 281 -8.85 24.77 2.58
CA TYR B 281 -9.01 25.34 1.24
C TYR B 281 -10.49 25.70 1.14
N SER B 282 -11.01 25.70 -0.09
CA SER B 282 -12.42 26.00 -0.32
C SER B 282 -13.11 24.70 -0.74
N VAL B 283 -14.08 24.26 0.07
CA VAL B 283 -14.79 23.02 -0.20
C VAL B 283 -16.20 23.22 -0.75
N PRO B 284 -16.41 22.91 -2.03
CA PRO B 284 -17.73 23.06 -2.67
C PRO B 284 -18.77 22.26 -1.90
N LYS B 285 -20.04 22.56 -2.12
CA LYS B 285 -21.11 21.82 -1.44
C LYS B 285 -21.29 20.47 -2.16
N THR B 286 -20.91 20.43 -3.43
CA THR B 286 -21.01 19.22 -4.22
C THR B 286 -20.03 18.16 -3.71
N LEU B 287 -18.97 18.61 -3.05
CA LEU B 287 -17.97 17.71 -2.49
C LEU B 287 -18.17 17.61 -0.98
N GLN B 288 -18.58 18.71 -0.37
CA GLN B 288 -18.82 18.75 1.06
C GLN B 288 -19.88 17.74 1.47
N ALA B 289 -20.86 17.55 0.59
CA ALA B 289 -21.96 16.63 0.82
C ALA B 289 -21.48 15.19 0.96
N ARG B 290 -20.30 14.91 0.42
CA ARG B 290 -19.75 13.57 0.49
C ARG B 290 -19.27 13.22 1.90
N PHE B 291 -18.94 14.24 2.69
CA PHE B 291 -18.46 14.01 4.05
C PHE B 291 -19.57 14.11 5.10
N VAL B 292 -19.75 13.05 5.88
CA VAL B 292 -20.78 13.03 6.91
C VAL B 292 -20.26 13.64 8.22
N LYS B 293 -18.96 13.89 8.25
CA LYS B 293 -18.31 14.48 9.43
C LYS B 293 -17.03 15.18 9.00
N GLN B 294 -16.79 16.34 9.59
CA GLN B 294 -15.59 17.10 9.31
C GLN B 294 -14.99 17.48 10.65
N ILE B 295 -13.72 17.13 10.84
CA ILE B 295 -13.04 17.45 12.09
C ILE B 295 -12.03 18.54 11.79
N ASP B 296 -12.11 19.63 12.55
CA ASP B 296 -11.20 20.76 12.37
C ASP B 296 -10.07 20.63 13.38
N PHE B 297 -8.83 20.61 12.88
CA PHE B 297 -7.65 20.51 13.72
C PHE B 297 -7.09 21.90 13.95
N ARG B 298 -6.53 22.14 15.13
CA ARG B 298 -5.98 23.45 15.43
C ARG B 298 -4.64 23.37 16.13
N PRO B 299 -3.69 24.21 15.69
CA PRO B 299 -2.35 24.22 16.31
C PRO B 299 -2.50 24.65 17.76
N LYS B 300 -1.83 23.94 18.67
CA LYS B 300 -1.89 24.26 20.08
C LYS B 300 -0.48 24.46 20.64
N ASP B 301 -0.23 25.68 21.06
CA ASP B 301 1.04 26.10 21.64
C ASP B 301 1.60 25.05 22.60
N TYR B 302 0.77 24.61 23.55
CA TYR B 302 1.21 23.65 24.55
C TYR B 302 1.59 22.29 23.96
N LEU B 303 0.91 21.86 22.92
CA LEU B 303 1.24 20.59 22.27
C LEU B 303 2.65 20.66 21.72
N LYS B 304 2.98 21.81 21.14
CA LYS B 304 4.30 22.06 20.57
C LYS B 304 5.38 22.09 21.67
N HIS B 305 5.14 22.91 22.70
CA HIS B 305 6.08 23.04 23.80
C HIS B 305 6.28 21.71 24.51
N CYS B 306 5.20 20.93 24.61
CA CYS B 306 5.29 19.63 25.27
C CYS B 306 6.29 18.79 24.48
N LEU B 307 6.08 18.73 23.16
CA LEU B 307 6.97 17.93 22.33
C LEU B 307 8.43 18.34 22.45
N GLU B 308 8.67 19.64 22.56
CA GLU B 308 10.03 20.15 22.71
C GLU B 308 10.71 19.51 23.92
N ARG B 309 9.92 19.23 24.95
CA ARG B 309 10.45 18.66 26.18
C ARG B 309 10.12 17.18 26.30
N SER B 310 9.63 16.61 25.20
CA SER B 310 9.26 15.19 25.13
C SER B 310 9.71 14.70 23.77
N GLU B 311 10.98 14.93 23.47
CA GLU B 311 11.58 14.56 22.19
C GLU B 311 11.37 13.10 21.77
N PHE B 312 11.34 12.19 22.73
CA PHE B 312 11.16 10.78 22.39
C PHE B 312 9.88 10.54 21.60
N LEU B 313 8.83 11.31 21.89
CA LEU B 313 7.57 11.17 21.17
C LEU B 313 7.73 11.29 19.66
N LEU B 314 8.62 12.17 19.22
CA LEU B 314 8.84 12.35 17.79
C LEU B 314 9.98 11.47 17.30
N GLU B 315 11.07 11.41 18.07
CA GLU B 315 12.22 10.61 17.71
C GLU B 315 11.87 9.13 17.54
N LYS B 316 10.97 8.62 18.37
CA LYS B 316 10.54 7.22 18.28
C LYS B 316 9.23 7.11 17.52
N ARG B 317 8.82 8.21 16.88
CA ARG B 317 7.59 8.27 16.09
C ARG B 317 6.44 7.55 16.75
N ILE B 318 6.14 7.95 17.98
CA ILE B 318 5.09 7.36 18.77
C ILE B 318 3.69 7.95 18.55
N ILE B 319 3.61 9.28 18.44
CA ILE B 319 2.30 9.90 18.28
C ILE B 319 1.64 9.62 16.93
N GLN B 320 2.42 9.18 15.94
CA GLN B 320 1.80 8.89 14.65
C GLN B 320 1.57 7.40 14.45
N SER B 321 1.71 6.61 15.52
CA SER B 321 1.55 5.16 15.45
C SER B 321 0.20 4.60 15.82
N GLY B 322 -0.23 3.57 15.10
CA GLY B 322 -1.50 2.96 15.40
C GLY B 322 -1.52 2.25 16.75
N ILE B 323 -0.36 1.85 17.24
CA ILE B 323 -0.30 1.18 18.53
C ILE B 323 -0.68 2.16 19.65
N ALA B 324 -0.40 3.45 19.45
CA ALA B 324 -0.75 4.42 20.48
C ALA B 324 -2.28 4.55 20.52
N LEU B 325 -2.92 4.55 19.35
CA LEU B 325 -4.38 4.64 19.32
C LEU B 325 -5.04 3.37 19.92
N LEU B 326 -4.43 2.21 19.70
CA LEU B 326 -5.01 0.97 20.25
C LEU B 326 -4.88 1.00 21.76
N LEU B 327 -3.74 1.50 22.24
CA LEU B 327 -3.51 1.62 23.68
C LEU B 327 -4.55 2.59 24.26
N MET B 328 -4.86 3.64 23.50
CA MET B 328 -5.84 4.62 23.95
C MET B 328 -7.21 3.94 24.10
N LEU B 329 -7.56 3.10 23.13
CA LEU B 329 -8.85 2.42 23.19
C LEU B 329 -8.88 1.45 24.36
N ILE B 330 -7.77 0.75 24.58
CA ILE B 330 -7.72 -0.19 25.69
C ILE B 330 -7.91 0.51 27.03
N TRP B 331 -7.37 1.72 27.14
CA TRP B 331 -7.47 2.49 28.37
C TRP B 331 -8.85 3.13 28.58
N TYR B 332 -9.42 3.75 27.55
CA TYR B 332 -10.70 4.45 27.67
C TYR B 332 -12.00 3.65 27.43
N ARG B 333 -12.01 2.83 26.40
CA ARG B 333 -13.20 2.07 26.04
C ARG B 333 -13.54 0.86 26.90
N PRO B 334 -14.83 0.67 27.19
CA PRO B 334 -15.30 -0.47 28.00
C PRO B 334 -15.11 -1.76 27.20
N VAL B 335 -14.77 -2.85 27.88
CA VAL B 335 -14.57 -4.13 27.20
C VAL B 335 -15.74 -4.55 26.32
N ALA B 336 -16.96 -4.24 26.75
CA ALA B 336 -18.16 -4.60 26.00
C ALA B 336 -18.18 -4.03 24.58
N GLU B 337 -17.43 -2.95 24.35
CA GLU B 337 -17.38 -2.35 23.02
C GLU B 337 -16.51 -3.10 22.00
N PHE B 338 -15.62 -3.96 22.47
CA PHE B 338 -14.79 -4.71 21.55
C PHE B 338 -15.50 -5.97 21.10
N ALA B 339 -15.04 -6.55 20.00
CA ALA B 339 -15.61 -7.79 19.48
C ALA B 339 -15.50 -8.86 20.58
N GLN B 340 -16.55 -9.64 20.75
CA GLN B 340 -16.58 -10.67 21.78
C GLN B 340 -15.34 -11.58 21.82
N SER B 341 -14.90 -12.03 20.66
CA SER B 341 -13.74 -12.93 20.60
C SER B 341 -12.43 -12.34 21.13
N ILE B 342 -12.28 -11.03 21.05
CA ILE B 342 -11.05 -10.38 21.48
C ILE B 342 -11.15 -9.78 22.88
N GLN B 343 -12.35 -9.77 23.46
CA GLN B 343 -12.56 -9.19 24.78
C GLN B 343 -11.62 -9.73 25.86
N SER B 344 -11.47 -11.05 25.92
CA SER B 344 -10.59 -11.66 26.91
C SER B 344 -9.21 -11.02 26.86
N ARG B 345 -8.72 -10.77 25.64
CA ARG B 345 -7.40 -10.20 25.46
C ARG B 345 -7.32 -8.72 25.85
N ILE B 346 -8.37 -7.97 25.55
CA ILE B 346 -8.42 -6.55 25.91
C ILE B 346 -8.41 -6.43 27.44
N VAL B 347 -9.02 -7.39 28.12
CA VAL B 347 -9.06 -7.39 29.58
C VAL B 347 -7.65 -7.57 30.14
N GLU B 348 -6.87 -8.46 29.53
CA GLU B 348 -5.51 -8.70 29.97
C GLU B 348 -4.67 -7.42 29.89
N TRP B 349 -4.85 -6.65 28.83
CA TRP B 349 -4.10 -5.40 28.67
C TRP B 349 -4.61 -4.28 29.57
N LYS B 350 -5.92 -4.25 29.82
CA LYS B 350 -6.48 -3.22 30.70
C LYS B 350 -5.87 -3.41 32.07
N GLU B 351 -5.66 -4.67 32.45
CA GLU B 351 -5.08 -5.00 33.74
C GLU B 351 -3.58 -4.73 33.73
N ARG B 352 -2.95 -4.97 32.59
CA ARG B 352 -1.52 -4.73 32.47
C ARG B 352 -1.28 -3.22 32.59
N LEU B 353 -2.17 -2.44 31.98
CA LEU B 353 -2.07 -0.98 32.03
C LEU B 353 -2.41 -0.42 33.41
N ASP B 354 -3.40 -1.01 34.07
CA ASP B 354 -3.80 -0.56 35.40
C ASP B 354 -2.74 -0.96 36.41
N LYS B 355 -1.95 -1.98 36.06
CA LYS B 355 -0.89 -2.47 36.91
C LYS B 355 0.32 -1.53 36.92
N GLU B 356 0.52 -0.82 35.81
CA GLU B 356 1.64 0.11 35.72
C GLU B 356 1.29 1.59 35.80
N PHE B 357 0.03 1.94 35.61
CA PHE B 357 -0.35 3.34 35.67
C PHE B 357 -1.57 3.61 36.53
N SER B 358 -1.39 4.43 37.57
CA SER B 358 -2.47 4.81 38.46
C SER B 358 -3.21 5.87 37.67
N LEU B 359 -4.46 6.11 38.00
CA LEU B 359 -5.22 7.12 37.27
C LEU B 359 -4.51 8.46 37.40
N SER B 360 -4.07 8.78 38.61
CA SER B 360 -3.37 10.04 38.89
C SER B 360 -2.08 10.11 38.08
N VAL B 361 -1.40 8.98 37.93
CA VAL B 361 -0.17 8.96 37.16
C VAL B 361 -0.42 9.30 35.68
N TYR B 362 -1.47 8.72 35.10
CA TYR B 362 -1.82 9.01 33.70
C TYR B 362 -2.36 10.44 33.62
N GLN B 363 -3.23 10.79 34.56
CA GLN B 363 -3.79 12.13 34.59
C GLN B 363 -2.65 13.17 34.62
N LYS B 364 -1.59 12.84 35.36
CA LYS B 364 -0.43 13.72 35.48
C LYS B 364 0.16 13.98 34.10
N MET B 365 0.30 12.92 33.31
CA MET B 365 0.83 13.05 31.96
C MET B 365 -0.02 14.04 31.16
N LYS B 366 -1.34 13.86 31.22
CA LYS B 366 -2.26 14.75 30.52
C LYS B 366 -2.06 16.17 31.04
N PHE B 367 -1.81 16.29 32.34
CA PHE B 367 -1.60 17.60 32.93
C PHE B 367 -0.38 18.27 32.31
N ASN B 368 0.76 17.58 32.33
CA ASN B 368 1.98 18.12 31.75
C ASN B 368 1.80 18.55 30.31
N VAL B 369 1.04 17.78 29.54
CA VAL B 369 0.81 18.12 28.14
C VAL B 369 0.09 19.46 28.06
N ALA B 370 -0.98 19.60 28.82
CA ALA B 370 -1.76 20.82 28.82
C ALA B 370 -0.93 22.02 29.28
N MET B 371 -0.01 21.77 30.22
CA MET B 371 0.86 22.82 30.75
C MET B 371 2.01 23.15 29.82
N GLY B 372 2.21 22.32 28.80
CA GLY B 372 3.28 22.59 27.84
C GLY B 372 4.64 22.17 28.34
N ILE B 373 4.68 21.25 29.27
CA ILE B 373 5.96 20.77 29.79
C ILE B 373 6.19 19.32 29.42
N GLY B 374 7.30 18.76 29.87
CA GLY B 374 7.61 17.37 29.55
C GLY B 374 6.54 16.45 30.08
N VAL B 375 6.05 15.56 29.22
CA VAL B 375 5.00 14.60 29.63
C VAL B 375 5.43 13.73 30.80
N LEU B 376 6.72 13.44 30.87
CA LEU B 376 7.23 12.60 31.95
C LEU B 376 7.69 13.36 33.19
N ASP B 377 7.54 14.68 33.18
CA ASP B 377 7.95 15.50 34.33
C ASP B 377 7.15 15.19 35.61
N LYS C 16 29.83 -34.06 -12.00
CA LYS C 16 29.33 -33.57 -13.31
C LYS C 16 28.11 -32.65 -13.08
N GLN C 17 27.83 -32.38 -11.82
CA GLN C 17 26.70 -31.53 -11.43
C GLN C 17 27.18 -30.21 -10.84
N VAL C 18 26.73 -29.09 -11.41
CA VAL C 18 27.12 -27.77 -10.92
C VAL C 18 26.47 -27.43 -9.59
N SER C 19 27.23 -26.83 -8.68
CA SER C 19 26.67 -26.44 -7.41
C SER C 19 26.17 -25.00 -7.55
N TRP C 20 24.86 -24.81 -7.44
CA TRP C 20 24.30 -23.47 -7.57
C TRP C 20 24.70 -22.68 -6.35
N LYS C 21 24.75 -23.36 -5.22
CA LYS C 21 25.10 -22.77 -3.94
C LYS C 21 26.46 -22.07 -3.98
N LEU C 22 27.44 -22.69 -4.64
CA LEU C 22 28.80 -22.14 -4.74
C LEU C 22 28.83 -20.85 -5.57
N VAL C 23 27.97 -20.77 -6.58
CA VAL C 23 27.92 -19.56 -7.40
C VAL C 23 27.29 -18.44 -6.56
N THR C 24 26.26 -18.78 -5.78
CA THR C 24 25.58 -17.85 -4.90
C THR C 24 26.58 -17.35 -3.83
N GLU C 25 27.37 -18.26 -3.28
CA GLU C 25 28.37 -17.90 -2.28
C GLU C 25 29.36 -16.88 -2.90
N TYR C 26 29.78 -17.11 -4.14
CA TYR C 26 30.69 -16.18 -4.77
C TYR C 26 30.05 -14.79 -4.97
N ALA C 27 28.77 -14.78 -5.33
CA ALA C 27 28.03 -13.54 -5.55
C ALA C 27 27.91 -12.79 -4.23
N MET C 28 27.60 -13.51 -3.16
CA MET C 28 27.45 -12.91 -1.85
C MET C 28 28.77 -12.31 -1.34
N GLU C 29 29.87 -13.01 -1.58
CA GLU C 29 31.17 -12.53 -1.13
C GLU C 29 31.65 -11.31 -1.89
N THR C 30 31.31 -11.23 -3.17
CA THR C 30 31.72 -10.06 -3.94
C THR C 30 30.55 -9.07 -4.03
N LYS C 31 29.47 -9.36 -3.31
CA LYS C 31 28.26 -8.54 -3.31
C LYS C 31 27.85 -8.19 -4.76
N CYS C 32 27.80 -9.21 -5.60
CA CYS C 32 27.45 -8.99 -6.99
C CYS C 32 25.94 -9.12 -7.22
N ASP C 33 25.32 -8.05 -7.71
CA ASP C 33 23.87 -8.07 -7.97
C ASP C 33 23.62 -7.73 -9.44
N ASP C 34 24.63 -7.97 -10.26
CA ASP C 34 24.61 -7.72 -11.69
C ASP C 34 24.76 -9.11 -12.32
N VAL C 35 23.70 -9.59 -12.97
CA VAL C 35 23.74 -10.94 -13.56
C VAL C 35 24.79 -11.17 -14.63
N LEU C 36 24.97 -10.21 -15.55
CA LEU C 36 25.97 -10.38 -16.60
C LEU C 36 27.40 -10.27 -16.05
N LEU C 37 27.59 -9.44 -15.04
CA LEU C 37 28.92 -9.30 -14.46
C LEU C 37 29.27 -10.60 -13.77
N LEU C 38 28.33 -11.12 -12.98
CA LEU C 38 28.53 -12.38 -12.25
C LEU C 38 28.87 -13.49 -13.25
N LEU C 39 28.09 -13.59 -14.32
CA LEU C 39 28.35 -14.60 -15.36
C LEU C 39 29.74 -14.46 -15.97
N GLY C 40 30.12 -13.24 -16.31
CA GLY C 40 31.41 -13.01 -16.90
C GLY C 40 32.56 -13.31 -15.93
N MET C 41 32.35 -13.01 -14.65
CA MET C 41 33.38 -13.27 -13.65
C MET C 41 33.52 -14.77 -13.39
N TYR C 42 32.40 -15.46 -13.11
CA TYR C 42 32.49 -16.89 -12.83
C TYR C 42 33.11 -17.69 -13.98
N LEU C 43 32.76 -17.32 -15.22
CA LEU C 43 33.31 -18.01 -16.39
C LEU C 43 34.82 -17.91 -16.50
N GLU C 44 35.40 -16.89 -15.88
CA GLU C 44 36.85 -16.76 -15.92
C GLU C 44 37.49 -17.87 -15.08
N PHE C 45 36.75 -18.42 -14.13
CA PHE C 45 37.27 -19.47 -13.25
C PHE C 45 37.37 -20.87 -13.86
N GLN C 46 36.87 -21.05 -15.07
CA GLN C 46 36.86 -22.35 -15.74
C GLN C 46 38.23 -22.78 -16.25
N TYR C 47 39.14 -21.82 -16.40
CA TYR C 47 40.49 -22.08 -16.89
C TYR C 47 41.43 -22.48 -15.75
N SER C 48 42.52 -23.15 -16.09
CA SER C 48 43.49 -23.58 -15.06
C SER C 48 44.04 -22.37 -14.31
N PHE C 49 44.19 -22.53 -13.00
CA PHE C 49 44.70 -21.45 -12.14
C PHE C 49 46.19 -21.49 -11.79
N GLU C 50 46.81 -22.68 -11.80
CA GLU C 50 48.25 -22.82 -11.49
C GLU C 50 49.16 -21.77 -12.15
N MET C 51 48.94 -21.52 -13.43
CA MET C 51 49.74 -20.54 -14.14
C MET C 51 48.92 -19.30 -14.55
N CYS C 52 47.80 -19.06 -13.85
CA CYS C 52 46.92 -17.93 -14.15
C CYS C 52 47.62 -16.61 -13.83
N LEU C 53 47.93 -15.83 -14.86
CA LEU C 53 48.59 -14.54 -14.64
C LEU C 53 47.67 -13.51 -13.97
N LYS C 54 46.36 -13.65 -14.16
CA LYS C 54 45.41 -12.72 -13.53
C LYS C 54 45.55 -12.93 -12.04
N CYS C 55 45.67 -14.20 -11.67
CA CYS C 55 45.80 -14.57 -10.27
C CYS C 55 47.15 -14.14 -9.69
N ILE C 56 48.22 -14.51 -10.40
CA ILE C 56 49.57 -14.22 -9.94
C ILE C 56 49.94 -12.73 -9.89
N LYS C 57 49.49 -11.94 -10.87
CA LYS C 57 49.79 -10.52 -10.85
C LYS C 57 48.74 -9.82 -10.00
N LYS C 58 47.89 -10.61 -9.35
CA LYS C 58 46.82 -10.09 -8.52
C LYS C 58 46.16 -8.81 -9.04
N GLU C 59 45.65 -8.88 -10.27
CA GLU C 59 45.00 -7.75 -10.92
C GLU C 59 43.64 -7.36 -10.32
N GLN C 60 42.79 -8.35 -10.03
CA GLN C 60 41.46 -8.06 -9.47
C GLN C 60 41.13 -9.00 -8.34
N PRO C 61 40.90 -8.46 -7.12
CA PRO C 61 40.56 -9.28 -5.96
C PRO C 61 39.34 -10.14 -6.24
N SER C 62 38.39 -9.60 -7.02
CA SER C 62 37.16 -10.31 -7.38
C SER C 62 37.46 -11.59 -8.16
N HIS C 63 38.66 -11.64 -8.70
CA HIS C 63 39.14 -12.78 -9.43
C HIS C 63 40.14 -13.60 -8.60
N TYR C 64 41.33 -13.05 -8.35
CA TYR C 64 42.38 -13.79 -7.63
C TYR C 64 42.08 -14.39 -6.24
N LYS C 65 41.15 -13.81 -5.49
CA LYS C 65 40.83 -14.40 -4.20
C LYS C 65 39.84 -15.61 -4.33
N TYR C 66 39.35 -15.87 -5.54
CA TYR C 66 38.35 -16.92 -5.69
C TYR C 66 38.57 -17.98 -6.74
N HIS C 67 39.42 -17.70 -7.72
CA HIS C 67 39.67 -18.61 -8.84
C HIS C 67 40.02 -20.04 -8.43
N GLU C 68 41.01 -20.16 -7.56
CA GLU C 68 41.46 -21.45 -7.09
C GLU C 68 40.28 -22.19 -6.46
N LYS C 69 39.63 -21.55 -5.50
CA LYS C 69 38.49 -22.13 -4.79
C LYS C 69 37.28 -22.52 -5.66
N HIS C 70 37.05 -21.79 -6.74
CA HIS C 70 35.88 -22.05 -7.60
C HIS C 70 36.19 -22.76 -8.90
N TYR C 71 37.47 -22.99 -9.16
CA TYR C 71 37.88 -23.61 -10.39
C TYR C 71 37.14 -24.91 -10.74
N ALA C 72 36.98 -25.80 -9.76
CA ALA C 72 36.30 -27.08 -10.00
C ALA C 72 34.83 -26.86 -10.36
N ASN C 73 34.13 -26.07 -9.56
CA ASN C 73 32.74 -25.81 -9.84
C ASN C 73 32.56 -25.08 -11.17
N ALA C 74 33.50 -24.18 -11.48
CA ALA C 74 33.46 -23.39 -12.71
C ALA C 74 33.73 -24.22 -13.95
N ALA C 75 34.63 -25.18 -13.84
CA ALA C 75 34.91 -26.03 -14.97
C ALA C 75 33.59 -26.71 -15.40
N ILE C 76 32.81 -27.18 -14.44
CA ILE C 76 31.52 -27.85 -14.71
C ILE C 76 30.50 -26.83 -15.21
N PHE C 77 30.41 -25.70 -14.50
CA PHE C 77 29.51 -24.61 -14.84
C PHE C 77 29.65 -24.28 -16.30
N ALA C 78 30.88 -24.35 -16.80
CA ALA C 78 31.13 -24.04 -18.20
C ALA C 78 30.44 -25.03 -19.15
N ASP C 79 30.03 -26.18 -18.63
CA ASP C 79 29.36 -27.21 -19.43
C ASP C 79 27.85 -27.14 -19.26
N SER C 80 27.40 -26.34 -18.32
CA SER C 80 25.98 -26.20 -18.03
C SER C 80 25.19 -25.55 -19.17
N LYS C 81 23.91 -25.86 -19.22
CA LYS C 81 23.01 -25.30 -20.21
C LYS C 81 22.09 -24.27 -19.56
N ASN C 82 22.29 -24.00 -18.27
CA ASN C 82 21.46 -23.04 -17.55
C ASN C 82 22.29 -21.97 -16.85
N GLN C 83 23.40 -21.55 -17.46
CA GLN C 83 24.30 -20.57 -16.84
C GLN C 83 23.61 -19.31 -16.34
N LYS C 84 22.88 -18.63 -17.22
CA LYS C 84 22.16 -17.43 -16.83
C LYS C 84 21.19 -17.68 -15.66
N THR C 85 20.46 -18.79 -15.70
CA THR C 85 19.52 -19.09 -14.62
C THR C 85 20.23 -19.32 -13.28
N ILE C 86 21.40 -19.96 -13.32
CA ILE C 86 22.13 -20.20 -12.08
C ILE C 86 22.55 -18.84 -11.51
N CYS C 87 23.03 -17.97 -12.39
CA CYS C 87 23.45 -16.64 -11.97
C CYS C 87 22.31 -15.76 -11.49
N GLN C 88 21.12 -15.94 -12.05
CA GLN C 88 19.99 -15.14 -11.59
C GLN C 88 19.59 -15.51 -10.21
N GLN C 89 19.62 -16.79 -9.87
CA GLN C 89 19.26 -17.19 -8.51
C GLN C 89 20.28 -16.59 -7.52
N ALA C 90 21.55 -16.61 -7.90
CA ALA C 90 22.64 -16.07 -7.09
C ALA C 90 22.42 -14.58 -6.85
N VAL C 91 22.12 -13.85 -7.93
CA VAL C 91 21.85 -12.43 -7.83
C VAL C 91 20.61 -12.19 -6.95
N ASP C 92 19.60 -13.07 -7.06
CA ASP C 92 18.41 -12.91 -6.25
C ASP C 92 18.69 -13.07 -4.78
N THR C 93 19.64 -13.94 -4.46
CA THR C 93 20.01 -14.14 -3.05
C THR C 93 20.68 -12.86 -2.51
N VAL C 94 21.49 -12.22 -3.34
CA VAL C 94 22.17 -10.99 -2.93
C VAL C 94 21.13 -9.90 -2.67
N LEU C 95 20.15 -9.81 -3.57
CA LEU C 95 19.06 -8.82 -3.44
C LEU C 95 18.21 -9.14 -2.24
N ALA C 96 18.01 -10.43 -1.96
CA ALA C 96 17.23 -10.84 -0.80
C ALA C 96 17.92 -10.40 0.52
N LYS C 97 19.23 -10.60 0.59
CA LYS C 97 20.00 -10.21 1.80
C LYS C 97 19.87 -8.69 2.01
N LYS C 98 20.02 -7.91 0.94
CA LYS C 98 19.89 -6.46 1.06
C LYS C 98 18.51 -6.10 1.58
N ARG C 99 17.48 -6.81 1.12
CA ARG C 99 16.13 -6.53 1.57
C ARG C 99 16.01 -6.81 3.07
N VAL C 100 16.53 -7.95 3.50
CA VAL C 100 16.48 -8.28 4.92
C VAL C 100 17.25 -7.23 5.74
N ASP C 101 18.45 -6.90 5.30
CA ASP C 101 19.29 -5.91 6.01
C ASP C 101 18.67 -4.52 6.10
N SER C 102 18.02 -4.06 5.03
CA SER C 102 17.41 -2.74 5.02
C SER C 102 16.28 -2.68 6.05
N LEU C 103 15.71 -3.84 6.35
CA LEU C 103 14.63 -3.89 7.31
C LEU C 103 15.04 -4.29 8.71
N GLN C 104 16.18 -4.94 8.86
CA GLN C 104 16.56 -5.39 10.19
C GLN C 104 17.85 -4.86 10.84
N LEU C 105 18.71 -4.24 10.05
CA LEU C 105 19.95 -3.69 10.60
C LEU C 105 19.68 -2.31 11.20
N THR C 106 20.51 -1.88 12.15
CA THR C 106 20.33 -0.53 12.70
C THR C 106 21.05 0.35 11.69
N ARG C 107 20.70 1.62 11.64
CA ARG C 107 21.38 2.51 10.70
C ARG C 107 22.89 2.54 10.99
N GLU C 108 23.27 2.40 12.26
CA GLU C 108 24.71 2.39 12.56
C GLU C 108 25.37 1.13 12.01
N GLN C 109 24.70 0.00 12.09
CA GLN C 109 25.27 -1.24 11.56
C GLN C 109 25.41 -1.10 10.05
N MET C 110 24.43 -0.47 9.42
CA MET C 110 24.49 -0.26 7.97
C MET C 110 25.73 0.56 7.63
N LEU C 111 25.97 1.63 8.39
CA LEU C 111 27.13 2.46 8.12
C LEU C 111 28.43 1.67 8.36
N THR C 112 28.45 0.89 9.43
CA THR C 112 29.64 0.11 9.77
C THR C 112 29.98 -0.89 8.66
N ASN C 113 28.96 -1.51 8.07
CA ASN C 113 29.16 -2.45 6.97
C ASN C 113 29.75 -1.68 5.80
N ARG C 114 29.20 -0.50 5.55
CA ARG C 114 29.72 0.33 4.47
C ARG C 114 31.20 0.66 4.74
N PHE C 115 31.53 1.03 5.98
CA PHE C 115 32.93 1.35 6.29
C PHE C 115 33.87 0.17 6.07
N ASN C 116 33.47 -1.02 6.53
CA ASN C 116 34.31 -2.21 6.35
C ASN C 116 34.53 -2.50 4.87
N ASP C 117 33.55 -2.17 4.03
CA ASP C 117 33.72 -2.37 2.60
C ASP C 117 34.74 -1.39 2.05
N LEU C 118 34.65 -0.12 2.47
CA LEU C 118 35.61 0.87 1.97
C LEU C 118 37.01 0.50 2.46
N LEU C 119 37.12 0.06 3.70
CA LEU C 119 38.44 -0.31 4.24
C LEU C 119 39.02 -1.48 3.45
N ASP C 120 38.19 -2.49 3.15
CA ASP C 120 38.67 -3.64 2.36
C ASP C 120 39.23 -3.12 1.08
N ARG C 121 38.57 -2.13 0.51
CA ARG C 121 39.01 -1.54 -0.75
C ARG C 121 40.29 -0.72 -0.50
N MET C 122 40.41 -0.15 0.70
CA MET C 122 41.60 0.63 1.03
C MET C 122 42.81 -0.29 1.27
N ASP C 123 42.59 -1.45 1.88
CA ASP C 123 43.70 -2.38 2.13
C ASP C 123 44.38 -2.72 0.81
N ILE C 124 43.59 -2.89 -0.25
CA ILE C 124 44.14 -3.22 -1.54
C ILE C 124 44.85 -2.06 -2.20
N MET C 125 44.12 -0.96 -2.40
CA MET C 125 44.64 0.28 -3.02
C MET C 125 46.03 0.68 -2.54
N PHE C 126 46.15 0.77 -1.23
CA PHE C 126 47.39 1.19 -0.59
C PHE C 126 48.27 0.01 -0.19
N GLY C 127 48.00 -1.15 -0.79
CA GLY C 127 48.80 -2.34 -0.51
C GLY C 127 49.88 -2.59 -1.55
N SER C 128 50.69 -3.62 -1.31
CA SER C 128 51.80 -3.99 -2.20
C SER C 128 51.37 -4.20 -3.65
N THR C 129 50.11 -4.60 -3.85
CA THR C 129 49.62 -4.81 -5.20
C THR C 129 48.60 -3.75 -5.62
N GLY C 130 48.38 -2.75 -4.77
CA GLY C 130 47.44 -1.67 -5.09
C GLY C 130 48.07 -0.71 -6.08
N SER C 131 47.28 0.21 -6.61
CA SER C 131 47.83 1.17 -7.56
C SER C 131 47.75 2.61 -7.00
N ALA C 132 47.21 2.74 -5.79
CA ALA C 132 47.07 4.06 -5.17
C ALA C 132 48.29 4.49 -4.36
N ASP C 133 48.57 5.79 -4.35
CA ASP C 133 49.69 6.32 -3.57
C ASP C 133 49.08 7.00 -2.34
N ILE C 134 49.23 6.40 -1.18
CA ILE C 134 48.67 6.93 0.06
C ILE C 134 49.03 8.41 0.36
N GLU C 135 50.16 8.87 -0.15
CA GLU C 135 50.62 10.24 0.02
C GLU C 135 49.73 11.17 -0.81
N GLU C 136 49.37 10.73 -2.02
CA GLU C 136 48.50 11.55 -2.86
C GLU C 136 47.11 11.63 -2.27
N TRP C 137 46.65 10.56 -1.63
CA TRP C 137 45.33 10.57 -1.00
C TRP C 137 45.32 11.41 0.27
N MET C 138 46.41 11.38 1.01
CA MET C 138 46.49 12.17 2.23
C MET C 138 46.48 13.67 1.83
N ALA C 139 47.07 13.97 0.68
CA ALA C 139 47.12 15.34 0.14
C ALA C 139 45.68 15.76 -0.17
N GLY C 140 44.84 14.75 -0.48
CA GLY C 140 43.43 14.99 -0.75
C GLY C 140 42.69 15.37 0.52
N VAL C 141 43.02 14.70 1.62
CA VAL C 141 42.43 15.00 2.91
C VAL C 141 42.84 16.45 3.32
N ALA C 142 44.06 16.82 2.99
CA ALA C 142 44.57 18.16 3.36
C ALA C 142 43.77 19.23 2.59
N TRP C 143 43.59 19.02 1.28
CA TRP C 143 42.85 19.97 0.47
C TRP C 143 41.41 20.11 0.97
N LEU C 144 40.76 18.97 1.21
CA LEU C 144 39.40 18.96 1.70
C LEU C 144 39.25 19.58 3.09
N HIS C 145 40.28 19.45 3.92
CA HIS C 145 40.19 20.02 5.26
C HIS C 145 40.25 21.56 5.24
N CYS C 146 40.63 22.11 4.08
CA CYS C 146 40.69 23.57 3.90
C CYS C 146 39.46 24.04 3.14
N LEU C 147 38.61 23.11 2.69
CA LEU C 147 37.42 23.50 1.93
C LEU C 147 36.36 24.16 2.80
N LEU C 148 36.25 23.70 4.04
CA LEU C 148 35.28 24.23 4.96
C LEU C 148 35.93 24.30 6.34
N PRO C 149 35.42 25.17 7.23
CA PRO C 149 35.98 25.31 8.59
C PRO C 149 35.59 24.06 9.40
N LYS C 150 36.51 23.57 10.24
CA LYS C 150 36.25 22.38 11.07
C LYS C 150 35.66 21.23 10.22
N MET C 151 36.25 20.98 9.07
CA MET C 151 35.78 19.97 8.15
C MET C 151 35.55 18.58 8.79
N ASP C 152 36.52 18.05 9.54
CA ASP C 152 36.34 16.72 10.13
C ASP C 152 35.15 16.70 11.05
N SER C 153 34.84 17.85 11.67
CA SER C 153 33.67 17.90 12.53
C SER C 153 32.40 17.96 11.67
N VAL C 154 32.48 18.62 10.54
CA VAL C 154 31.31 18.70 9.66
C VAL C 154 30.92 17.28 9.19
N VAL C 155 31.91 16.54 8.73
CA VAL C 155 31.68 15.19 8.25
C VAL C 155 31.12 14.29 9.36
N TYR C 156 31.79 14.29 10.50
CA TYR C 156 31.33 13.49 11.63
C TYR C 156 29.92 13.85 12.10
N ASP C 157 29.61 15.14 12.22
CA ASP C 157 28.27 15.50 12.66
C ASP C 157 27.25 15.05 11.61
N PHE C 158 27.60 15.15 10.33
CA PHE C 158 26.70 14.73 9.25
C PHE C 158 26.40 13.24 9.40
N LEU C 159 27.43 12.41 9.53
CA LEU C 159 27.25 10.98 9.71
C LEU C 159 26.33 10.69 10.89
N LYS C 160 26.53 11.39 12.00
CA LYS C 160 25.69 11.16 13.17
C LYS C 160 24.24 11.59 12.90
N CYS C 161 24.08 12.60 12.05
CA CYS C 161 22.75 13.08 11.72
C CYS C 161 22.05 12.00 10.87
N MET C 162 22.77 11.47 9.90
CA MET C 162 22.23 10.45 9.00
C MET C 162 21.90 9.17 9.75
N VAL C 163 22.73 8.82 10.72
CA VAL C 163 22.51 7.60 11.49
C VAL C 163 21.32 7.69 12.43
N TYR C 164 21.22 8.77 13.20
CA TYR C 164 20.11 8.94 14.13
C TYR C 164 18.79 9.10 13.38
N ASN C 165 18.84 9.70 12.21
CA ASN C 165 17.64 9.85 11.36
C ASN C 165 16.43 10.38 12.14
N ILE C 166 16.62 11.45 12.89
CA ILE C 166 15.54 12.03 13.70
C ILE C 166 14.61 12.94 12.90
N PRO C 167 13.28 12.76 13.05
CA PRO C 167 12.28 13.57 12.33
C PRO C 167 12.54 15.07 12.44
N LYS C 168 12.46 15.77 11.32
CA LYS C 168 12.68 17.23 11.25
C LYS C 168 14.15 17.63 11.38
N LYS C 169 15.01 16.69 11.75
CA LYS C 169 16.44 16.99 11.90
C LYS C 169 17.25 16.04 11.01
N ARG C 170 16.84 15.92 9.75
CA ARG C 170 17.48 14.99 8.83
C ARG C 170 18.08 15.58 7.56
N TYR C 171 17.86 16.87 7.30
CA TYR C 171 18.42 17.45 6.10
C TYR C 171 19.37 18.63 6.29
N TRP C 172 20.48 18.61 5.56
CA TRP C 172 21.47 19.68 5.60
C TRP C 172 21.44 20.36 4.25
N LEU C 173 21.54 21.68 4.27
CA LEU C 173 21.55 22.46 3.05
C LEU C 173 22.98 22.93 2.74
N PHE C 174 23.47 22.63 1.53
CA PHE C 174 24.80 23.06 1.06
C PHE C 174 24.50 24.22 0.13
N LYS C 175 24.92 25.43 0.49
CA LYS C 175 24.63 26.61 -0.36
C LYS C 175 25.84 27.50 -0.66
N GLY C 176 25.97 27.91 -1.92
CA GLY C 176 27.08 28.75 -2.30
C GLY C 176 27.15 28.90 -3.79
N PRO C 177 28.05 29.77 -4.29
CA PRO C 177 28.25 30.04 -5.71
C PRO C 177 28.68 28.80 -6.46
N ILE C 178 28.71 28.92 -7.78
CA ILE C 178 29.15 27.83 -8.61
C ILE C 178 30.63 27.63 -8.29
N ASP C 179 31.08 26.39 -8.36
CA ASP C 179 32.47 26.05 -8.10
C ASP C 179 32.96 26.39 -6.72
N SER C 180 32.15 26.11 -5.71
CA SER C 180 32.58 26.36 -4.35
C SER C 180 32.69 25.05 -3.56
N GLY C 181 32.52 23.91 -4.24
CA GLY C 181 32.67 22.60 -3.58
C GLY C 181 31.45 21.85 -3.10
N LYS C 182 30.25 22.32 -3.46
CA LYS C 182 29.03 21.68 -3.01
C LYS C 182 28.89 20.22 -3.51
N THR C 183 29.08 20.02 -4.80
CA THR C 183 28.97 18.71 -5.43
C THR C 183 30.16 17.83 -5.05
N THR C 184 31.34 18.43 -4.97
CA THR C 184 32.54 17.71 -4.58
C THR C 184 32.32 17.00 -3.24
N LEU C 185 31.86 17.74 -2.24
CA LEU C 185 31.63 17.16 -0.92
C LEU C 185 30.40 16.26 -0.88
N ALA C 186 29.33 16.66 -1.55
CA ALA C 186 28.12 15.84 -1.56
C ALA C 186 28.44 14.48 -2.22
N ALA C 187 29.28 14.49 -3.25
CA ALA C 187 29.64 13.27 -3.95
C ALA C 187 30.48 12.35 -3.06
N ALA C 188 31.36 12.95 -2.26
CA ALA C 188 32.20 12.17 -1.37
C ALA C 188 31.36 11.56 -0.28
N LEU C 189 30.43 12.33 0.27
CA LEU C 189 29.58 11.82 1.34
C LEU C 189 28.64 10.72 0.81
N LEU C 190 28.21 10.85 -0.45
CA LEU C 190 27.33 9.84 -1.04
C LEU C 190 28.12 8.52 -1.07
N GLU C 191 29.39 8.61 -1.46
CA GLU C 191 30.22 7.42 -1.53
C GLU C 191 30.56 6.87 -0.15
N LEU C 192 30.76 7.75 0.82
CA LEU C 192 31.10 7.32 2.17
C LEU C 192 29.95 6.58 2.86
N CYS C 193 28.71 7.00 2.60
CA CYS C 193 27.53 6.40 3.24
C CYS C 193 26.64 5.58 2.30
N GLY C 194 26.76 5.83 1.01
CA GLY C 194 25.91 5.14 0.04
C GLY C 194 24.58 5.89 -0.09
N GLY C 195 24.07 5.96 -1.30
CA GLY C 195 22.81 6.65 -1.49
C GLY C 195 22.68 7.07 -2.94
N LYS C 196 21.74 7.98 -3.20
CA LYS C 196 21.53 8.43 -4.57
C LYS C 196 21.27 9.93 -4.68
N ALA C 197 21.74 10.51 -5.77
CA ALA C 197 21.50 11.92 -6.04
C ALA C 197 20.18 11.97 -6.82
N LEU C 198 19.35 12.98 -6.55
CA LEU C 198 18.07 13.11 -7.24
C LEU C 198 17.90 14.51 -7.84
N ASN C 199 17.26 14.57 -8.99
CA ASN C 199 17.00 15.83 -9.67
C ASN C 199 15.52 16.16 -9.53
N VAL C 200 15.20 17.21 -8.79
CA VAL C 200 13.80 17.62 -8.59
C VAL C 200 13.46 18.90 -9.34
N ASN C 201 14.26 19.22 -10.34
CA ASN C 201 14.02 20.41 -11.15
C ASN C 201 13.07 20.00 -12.29
N LEU C 202 12.57 18.78 -12.20
CA LEU C 202 11.67 18.23 -13.20
C LEU C 202 10.24 18.74 -12.99
N PRO C 203 9.37 18.60 -13.99
CA PRO C 203 7.99 19.06 -13.86
C PRO C 203 7.29 18.27 -12.76
N LEU C 204 6.36 18.91 -12.07
CA LEU C 204 5.64 18.24 -10.98
C LEU C 204 5.01 16.94 -11.44
N ASP C 205 5.00 16.72 -12.75
CA ASP C 205 4.44 15.50 -13.33
C ASP C 205 5.39 14.33 -13.09
N ARG C 206 6.41 14.25 -13.93
CA ARG C 206 7.41 13.19 -13.87
C ARG C 206 8.33 13.29 -12.64
N LEU C 207 7.88 14.03 -11.63
CA LEU C 207 8.65 14.21 -10.40
C LEU C 207 8.57 13.00 -9.46
N ASN C 208 7.39 12.40 -9.37
CA ASN C 208 7.20 11.25 -8.49
C ASN C 208 7.99 10.02 -8.88
N PHE C 209 8.36 9.90 -10.15
CA PHE C 209 9.13 8.74 -10.56
C PHE C 209 10.57 8.98 -10.12
N GLU C 210 10.95 10.25 -10.00
CA GLU C 210 12.28 10.63 -9.57
C GLU C 210 12.45 10.28 -8.08
N LEU C 211 11.44 10.59 -7.28
CA LEU C 211 11.49 10.28 -5.85
C LEU C 211 11.60 8.78 -5.66
N GLY C 212 11.11 8.03 -6.64
CA GLY C 212 11.15 6.57 -6.54
C GLY C 212 12.57 6.07 -6.44
N VAL C 213 13.51 6.87 -6.95
CA VAL C 213 14.94 6.53 -6.92
C VAL C 213 15.45 6.36 -5.48
N ALA C 214 14.82 7.06 -4.53
CA ALA C 214 15.22 7.02 -3.12
C ALA C 214 14.87 5.71 -2.39
N ILE C 215 14.12 4.83 -3.04
CA ILE C 215 13.75 3.59 -2.37
C ILE C 215 14.94 2.81 -1.79
N ASP C 216 14.84 2.49 -0.51
CA ASP C 216 15.86 1.74 0.23
C ASP C 216 17.27 2.35 0.28
N GLN C 217 17.40 3.62 -0.10
CA GLN C 217 18.70 4.28 -0.04
C GLN C 217 18.98 4.79 1.39
N PHE C 218 20.24 4.73 1.83
CA PHE C 218 20.61 5.19 3.18
C PHE C 218 20.35 6.69 3.27
N LEU C 219 20.70 7.40 2.22
CA LEU C 219 20.47 8.84 2.17
C LEU C 219 20.33 9.28 0.74
N VAL C 220 19.82 10.48 0.56
CA VAL C 220 19.63 11.06 -0.75
C VAL C 220 20.23 12.46 -0.82
N VAL C 221 20.61 12.86 -2.02
CA VAL C 221 21.15 14.18 -2.25
C VAL C 221 20.35 14.82 -3.39
N PHE C 222 19.69 15.93 -3.08
CA PHE C 222 18.94 16.69 -4.08
C PHE C 222 19.95 17.66 -4.70
N GLU C 223 20.60 17.22 -5.77
CA GLU C 223 21.62 18.04 -6.42
C GLU C 223 21.13 19.21 -7.26
N ASP C 224 21.86 20.31 -7.13
CA ASP C 224 21.61 21.55 -7.85
C ASP C 224 20.13 21.91 -7.97
N VAL C 225 19.50 22.17 -6.82
CA VAL C 225 18.10 22.55 -6.80
C VAL C 225 17.96 24.02 -7.23
N LYS C 226 17.26 24.26 -8.33
CA LYS C 226 17.07 25.62 -8.83
C LYS C 226 15.71 26.20 -8.45
N GLY C 227 15.66 27.52 -8.31
CA GLY C 227 14.42 28.17 -7.95
C GLY C 227 14.07 29.26 -8.96
N THR C 228 13.72 30.43 -8.44
CA THR C 228 13.36 31.56 -9.30
C THR C 228 13.73 32.88 -8.60
N GLY C 229 13.70 33.97 -9.35
CA GLY C 229 14.02 35.27 -8.76
C GLY C 229 15.50 35.57 -8.81
N GLY C 230 16.32 34.54 -8.64
CA GLY C 230 17.77 34.73 -8.67
C GLY C 230 18.29 34.86 -10.09
N GLU C 231 17.38 34.89 -11.06
CA GLU C 231 17.76 35.02 -12.46
C GLU C 231 18.48 36.35 -12.71
N SER C 232 18.22 37.32 -11.83
CA SER C 232 18.83 38.65 -11.95
C SER C 232 20.34 38.55 -11.68
N ARG C 233 20.70 37.77 -10.66
CA ARG C 233 22.11 37.57 -10.33
C ARG C 233 22.66 36.50 -11.25
N ASP C 234 21.98 36.29 -12.37
CA ASP C 234 22.36 35.30 -13.38
C ASP C 234 22.22 33.87 -12.86
N LEU C 235 20.99 33.44 -12.60
CA LEU C 235 20.73 32.09 -12.12
C LEU C 235 19.53 31.50 -12.83
N PRO C 236 19.75 30.42 -13.59
CA PRO C 236 18.69 29.74 -14.34
C PRO C 236 17.51 29.42 -13.43
N SER C 237 16.32 29.35 -14.02
CA SER C 237 15.12 29.02 -13.25
C SER C 237 14.78 27.53 -13.31
N GLY C 238 14.13 27.05 -12.26
CA GLY C 238 13.74 25.66 -12.19
C GLY C 238 12.66 25.49 -11.13
N GLN C 239 12.11 24.28 -11.01
CA GLN C 239 11.07 24.03 -10.04
C GLN C 239 11.55 23.43 -8.72
N GLY C 240 12.75 22.85 -8.76
CA GLY C 240 13.31 22.23 -7.56
C GLY C 240 12.97 22.88 -6.24
N ILE C 241 13.18 24.19 -6.12
CA ILE C 241 12.90 24.87 -4.87
C ILE C 241 11.43 24.73 -4.53
N ASN C 242 10.58 25.07 -5.50
CA ASN C 242 9.15 24.99 -5.29
C ASN C 242 8.72 23.57 -4.91
N ASN C 243 9.24 22.58 -5.64
CA ASN C 243 8.89 21.19 -5.38
C ASN C 243 9.30 20.74 -3.98
N LEU C 244 10.49 21.13 -3.55
CA LEU C 244 10.97 20.75 -2.22
C LEU C 244 10.03 21.30 -1.17
N ASP C 245 9.56 22.51 -1.40
CA ASP C 245 8.67 23.18 -0.46
C ASP C 245 7.36 22.41 -0.34
N ASN C 246 7.06 21.55 -1.29
CA ASN C 246 5.84 20.79 -1.23
C ASN C 246 6.09 19.33 -0.85
N LEU C 247 7.32 19.03 -0.43
CA LEU C 247 7.67 17.67 -0.03
C LEU C 247 7.99 17.57 1.46
N ARG C 248 7.32 18.41 2.24
CA ARG C 248 7.50 18.46 3.69
C ARG C 248 7.44 17.10 4.38
N ASP C 249 6.42 16.29 4.09
CA ASP C 249 6.31 14.99 4.73
C ASP C 249 7.44 14.01 4.36
N TYR C 250 8.06 14.23 3.20
CA TYR C 250 9.18 13.40 2.75
C TYR C 250 10.41 13.80 3.52
N LEU C 251 10.70 15.10 3.51
CA LEU C 251 11.85 15.64 4.21
C LEU C 251 11.83 15.43 5.71
N ASP C 252 10.72 15.79 6.35
CA ASP C 252 10.62 15.65 7.80
C ASP C 252 10.80 14.24 8.38
N GLY C 253 10.37 13.23 7.62
CA GLY C 253 10.55 11.86 8.08
C GLY C 253 9.79 11.39 9.30
N SER C 254 8.65 11.99 9.57
CA SER C 254 7.84 11.58 10.71
C SER C 254 6.88 10.45 10.28
N VAL C 255 6.38 10.55 9.07
CA VAL C 255 5.45 9.55 8.56
C VAL C 255 5.99 8.85 7.31
N LYS C 256 5.61 7.58 7.13
CA LYS C 256 6.05 6.82 5.95
C LYS C 256 5.41 7.43 4.71
N VAL C 257 6.11 7.34 3.59
CA VAL C 257 5.60 7.87 2.33
C VAL C 257 5.63 6.75 1.28
N ASN C 258 4.79 6.86 0.26
CA ASN C 258 4.70 5.86 -0.79
C ASN C 258 5.62 6.21 -1.98
N LEU C 259 6.64 5.38 -2.19
CA LEU C 259 7.58 5.61 -3.28
C LEU C 259 7.35 4.60 -4.42
N GLU C 260 7.42 5.10 -5.65
CA GLU C 260 7.19 4.25 -6.82
C GLU C 260 8.29 4.33 -7.87
N LYS C 261 8.85 3.18 -8.18
CA LYS C 261 9.92 3.07 -9.16
C LYS C 261 9.62 1.90 -10.11
N LYS C 262 10.04 2.03 -11.37
CA LYS C 262 9.83 0.99 -12.36
C LYS C 262 8.35 0.77 -12.64
N HIS C 263 7.56 1.85 -12.63
CA HIS C 263 6.12 1.76 -12.86
C HIS C 263 5.48 0.70 -11.95
N LEU C 264 5.70 0.85 -10.64
CA LEU C 264 5.17 -0.07 -9.64
C LEU C 264 5.55 0.39 -8.23
N ASN C 265 4.54 0.65 -7.40
CA ASN C 265 4.79 1.09 -6.02
C ASN C 265 5.63 0.02 -5.31
N LYS C 266 6.94 0.26 -5.28
CA LYS C 266 7.86 -0.68 -4.66
C LYS C 266 7.88 -0.66 -3.14
N ARG C 267 7.61 0.50 -2.52
CA ARG C 267 7.66 0.53 -1.06
C ARG C 267 7.10 1.79 -0.36
N THR C 268 6.60 1.55 0.85
CA THR C 268 6.06 2.58 1.73
C THR C 268 7.13 2.65 2.82
N GLN C 269 7.80 3.78 2.94
CA GLN C 269 8.86 3.89 3.93
C GLN C 269 9.07 5.34 4.34
N ILE C 270 9.88 5.53 5.37
CA ILE C 270 10.26 6.87 5.81
C ILE C 270 11.23 7.30 4.70
N PHE C 271 10.99 8.44 4.08
CA PHE C 271 11.89 8.90 3.04
C PHE C 271 13.30 8.99 3.67
N PRO C 272 14.38 8.75 2.90
CA PRO C 272 15.74 8.82 3.43
C PRO C 272 16.13 10.26 3.80
N PRO C 273 17.04 10.42 4.78
CA PRO C 273 17.50 11.76 5.20
C PRO C 273 18.51 12.22 4.17
N GLY C 274 19.11 13.38 4.35
CA GLY C 274 20.08 13.76 3.35
C GLY C 274 20.56 15.19 3.19
N ILE C 275 20.93 15.50 1.96
CA ILE C 275 21.48 16.80 1.60
C ILE C 275 20.75 17.45 0.42
N VAL C 276 20.82 18.78 0.36
CA VAL C 276 20.26 19.56 -0.73
C VAL C 276 21.34 20.56 -1.10
N THR C 277 21.85 20.54 -2.33
CA THR C 277 22.84 21.54 -2.71
C THR C 277 22.14 22.59 -3.56
N MET C 278 22.54 23.85 -3.41
CA MET C 278 21.88 24.96 -4.10
C MET C 278 22.88 26.07 -4.48
N ASN C 279 22.63 26.75 -5.60
CA ASN C 279 23.54 27.82 -6.07
C ASN C 279 23.23 29.25 -5.65
N GLU C 280 22.59 29.43 -4.51
CA GLU C 280 22.30 30.78 -4.03
C GLU C 280 20.97 31.42 -4.44
N TYR C 281 19.92 30.63 -4.48
CA TYR C 281 18.61 31.16 -4.82
C TYR C 281 17.97 31.56 -3.50
N SER C 282 16.78 32.15 -3.56
CA SER C 282 16.08 32.56 -2.35
C SER C 282 15.32 31.34 -1.85
N VAL C 283 15.33 31.12 -0.54
CA VAL C 283 14.64 29.97 0.01
C VAL C 283 13.53 30.39 0.94
N PRO C 284 12.29 29.98 0.64
CA PRO C 284 11.10 30.31 1.45
C PRO C 284 11.32 29.96 2.92
N LYS C 285 10.60 30.63 3.81
CA LYS C 285 10.74 30.36 5.24
C LYS C 285 10.22 28.96 5.56
N THR C 286 9.27 28.48 4.75
CA THR C 286 8.70 27.16 4.96
C THR C 286 9.67 26.05 4.57
N LEU C 287 10.46 26.27 3.52
CA LEU C 287 11.45 25.27 3.08
C LEU C 287 12.66 25.36 4.00
N GLN C 288 13.12 26.58 4.24
CA GLN C 288 14.27 26.80 5.12
C GLN C 288 14.05 26.09 6.44
N ALA C 289 12.79 25.90 6.80
CA ALA C 289 12.43 25.25 8.06
C ALA C 289 12.63 23.74 8.00
N ARG C 290 12.79 23.20 6.79
CA ARG C 290 13.00 21.76 6.63
C ARG C 290 14.44 21.39 6.91
N PHE C 291 15.32 22.39 6.97
CA PHE C 291 16.75 22.15 7.20
C PHE C 291 17.25 22.41 8.60
N VAL C 292 17.84 21.39 9.21
CA VAL C 292 18.38 21.51 10.56
C VAL C 292 19.74 22.23 10.55
N LYS C 293 20.39 22.31 9.40
CA LYS C 293 21.69 22.97 9.33
C LYS C 293 21.99 23.49 7.93
N GLN C 294 22.69 24.61 7.84
CA GLN C 294 23.04 25.17 6.54
C GLN C 294 24.53 25.41 6.47
N ILE C 295 25.16 24.90 5.42
CA ILE C 295 26.57 25.08 5.26
C ILE C 295 26.83 25.94 4.05
N ASP C 296 27.57 27.02 4.26
CA ASP C 296 27.88 27.94 3.18
C ASP C 296 29.23 27.67 2.59
N PHE C 297 29.25 27.34 1.30
CA PHE C 297 30.49 27.07 0.60
C PHE C 297 30.97 28.36 -0.05
N ARG C 298 32.27 28.58 -0.04
CA ARG C 298 32.78 29.80 -0.62
C ARG C 298 34.00 29.52 -1.48
N PRO C 299 34.06 30.16 -2.65
CA PRO C 299 35.22 29.95 -3.53
C PRO C 299 36.48 30.47 -2.83
N LYS C 300 37.59 29.78 -3.02
CA LYS C 300 38.86 30.20 -2.40
C LYS C 300 39.91 30.07 -3.47
N ASP C 301 40.53 31.20 -3.81
CA ASP C 301 41.54 31.17 -4.83
C ASP C 301 42.73 30.27 -4.56
N TYR C 302 43.11 30.11 -3.30
CA TYR C 302 44.23 29.23 -2.99
C TYR C 302 43.86 27.77 -3.24
N LEU C 303 42.59 27.42 -3.05
CA LEU C 303 42.14 26.05 -3.30
C LEU C 303 42.26 25.78 -4.79
N LYS C 304 41.98 26.80 -5.60
CA LYS C 304 42.08 26.69 -7.06
C LYS C 304 43.55 26.63 -7.47
N HIS C 305 44.34 27.58 -6.98
CA HIS C 305 45.75 27.62 -7.32
C HIS C 305 46.43 26.31 -6.90
N CYS C 306 46.06 25.80 -5.73
CA CYS C 306 46.65 24.55 -5.27
C CYS C 306 46.39 23.42 -6.27
N LEU C 307 45.15 23.29 -6.71
CA LEU C 307 44.78 22.24 -7.67
C LEU C 307 45.56 22.34 -8.96
N GLU C 308 45.74 23.56 -9.45
CA GLU C 308 46.48 23.79 -10.68
C GLU C 308 47.90 23.22 -10.57
N ARG C 309 48.39 23.08 -9.34
CA ARG C 309 49.74 22.58 -9.13
C ARG C 309 49.73 21.22 -8.42
N SER C 310 48.53 20.67 -8.28
CA SER C 310 48.32 19.38 -7.65
C SER C 310 47.30 18.63 -8.52
N GLU C 311 47.54 18.67 -9.83
CA GLU C 311 46.69 18.06 -10.83
C GLU C 311 46.16 16.66 -10.48
N PHE C 312 47.04 15.78 -10.00
CA PHE C 312 46.67 14.42 -9.64
C PHE C 312 45.41 14.34 -8.78
N LEU C 313 45.14 15.38 -8.00
CA LEU C 313 43.96 15.35 -7.16
C LEU C 313 42.67 15.31 -7.97
N LEU C 314 42.72 15.84 -9.19
CA LEU C 314 41.55 15.83 -10.06
C LEU C 314 41.66 14.68 -11.05
N GLU C 315 42.84 14.50 -11.62
CA GLU C 315 43.04 13.44 -12.60
C GLU C 315 42.67 12.09 -12.01
N LYS C 316 42.95 11.89 -10.72
CA LYS C 316 42.64 10.62 -10.07
C LYS C 316 41.36 10.71 -9.26
N ARG C 317 40.65 11.84 -9.39
CA ARG C 317 39.38 12.04 -8.68
C ARG C 317 39.42 11.78 -7.17
N ILE C 318 40.48 12.24 -6.52
CA ILE C 318 40.63 12.04 -5.08
C ILE C 318 39.72 12.89 -4.19
N ILE C 319 39.63 14.20 -4.46
CA ILE C 319 38.82 15.07 -3.60
C ILE C 319 37.32 14.79 -3.63
N GLN C 320 36.85 14.10 -4.67
CA GLN C 320 35.44 13.74 -4.78
C GLN C 320 35.18 12.35 -4.15
N SER C 321 36.23 11.70 -3.64
CA SER C 321 36.04 10.37 -3.09
C SER C 321 35.65 10.14 -1.63
N GLY C 322 34.81 9.14 -1.43
CA GLY C 322 34.39 8.78 -0.09
C GLY C 322 35.60 8.24 0.68
N ILE C 323 36.62 7.74 -0.03
CA ILE C 323 37.81 7.23 0.64
C ILE C 323 38.61 8.40 1.26
N ALA C 324 38.73 9.50 0.54
CA ALA C 324 39.42 10.67 1.08
C ALA C 324 38.76 11.00 2.40
N LEU C 325 37.43 11.00 2.46
CA LEU C 325 36.75 11.32 3.70
C LEU C 325 36.93 10.31 4.84
N LEU C 326 37.05 9.02 4.50
CA LEU C 326 37.23 8.03 5.55
C LEU C 326 38.62 8.23 6.15
N LEU C 327 39.60 8.48 5.29
CA LEU C 327 40.97 8.72 5.72
C LEU C 327 41.01 9.95 6.65
N MET C 328 40.22 10.97 6.32
CA MET C 328 40.15 12.16 7.16
C MET C 328 39.60 11.79 8.52
N LEU C 329 38.56 10.94 8.55
CA LEU C 329 38.00 10.54 9.83
C LEU C 329 38.97 9.72 10.65
N ILE C 330 39.77 8.90 9.96
CA ILE C 330 40.75 8.06 10.63
C ILE C 330 41.82 8.97 11.27
N TRP C 331 42.35 9.88 10.49
CA TRP C 331 43.36 10.80 10.98
C TRP C 331 42.89 11.72 12.12
N TYR C 332 41.69 12.29 12.00
CA TYR C 332 41.20 13.22 13.02
C TYR C 332 40.39 12.74 14.21
N ARG C 333 39.54 11.75 13.99
CA ARG C 333 38.65 11.29 15.05
C ARG C 333 39.21 10.28 16.03
N PRO C 334 38.85 10.41 17.31
CA PRO C 334 39.33 9.44 18.32
C PRO C 334 38.66 8.10 18.06
N VAL C 335 39.38 7.01 18.37
CA VAL C 335 38.87 5.65 18.15
C VAL C 335 37.47 5.44 18.70
N ALA C 336 37.24 5.90 19.93
CA ALA C 336 35.96 5.76 20.61
C ALA C 336 34.75 6.31 19.88
N GLU C 337 34.96 7.09 18.83
CA GLU C 337 33.81 7.63 18.11
C GLU C 337 33.30 6.69 17.02
N PHE C 338 34.05 5.64 16.74
CA PHE C 338 33.62 4.67 15.73
C PHE C 338 32.85 3.54 16.44
N ALA C 339 32.14 2.73 15.66
CA ALA C 339 31.38 1.60 16.21
C ALA C 339 32.40 0.64 16.81
N GLN C 340 32.06 0.05 17.95
CA GLN C 340 32.98 -0.86 18.63
C GLN C 340 33.61 -1.93 17.72
N SER C 341 32.78 -2.56 16.89
CA SER C 341 33.29 -3.61 16.01
C SER C 341 34.41 -3.23 15.05
N ILE C 342 34.42 -2.00 14.54
CA ILE C 342 35.49 -1.60 13.61
C ILE C 342 36.66 -0.92 14.30
N GLN C 343 36.51 -0.58 15.58
CA GLN C 343 37.56 0.12 16.30
C GLN C 343 38.94 -0.50 16.15
N SER C 344 39.06 -1.81 16.34
CA SER C 344 40.38 -2.44 16.21
C SER C 344 40.92 -2.22 14.81
N ARG C 345 40.02 -2.20 13.82
CA ARG C 345 40.45 -2.01 12.45
C ARG C 345 40.82 -0.52 12.23
N ILE C 346 40.15 0.37 12.95
CA ILE C 346 40.43 1.80 12.86
C ILE C 346 41.81 2.04 13.48
N VAL C 347 42.02 1.49 14.68
CA VAL C 347 43.31 1.63 15.36
C VAL C 347 44.42 1.23 14.40
N GLU C 348 44.20 0.17 13.63
CA GLU C 348 45.22 -0.27 12.69
C GLU C 348 45.54 0.78 11.61
N TRP C 349 44.52 1.47 11.11
CA TRP C 349 44.80 2.48 10.09
C TRP C 349 45.45 3.72 10.69
N LYS C 350 45.03 4.10 11.90
CA LYS C 350 45.65 5.25 12.56
C LYS C 350 47.16 4.98 12.62
N GLU C 351 47.52 3.77 13.03
CA GLU C 351 48.93 3.40 13.12
C GLU C 351 49.62 3.49 11.77
N ARG C 352 48.96 3.03 10.71
CA ARG C 352 49.59 3.07 9.41
C ARG C 352 49.78 4.53 8.96
N LEU C 353 48.78 5.35 9.25
CA LEU C 353 48.85 6.76 8.90
C LEU C 353 49.99 7.44 9.70
N ASP C 354 50.02 7.23 11.02
CA ASP C 354 51.08 7.82 11.85
C ASP C 354 52.45 7.37 11.35
N LYS C 355 52.49 6.17 10.76
CA LYS C 355 53.73 5.62 10.23
C LYS C 355 54.12 6.31 8.94
N GLU C 356 53.14 6.64 8.10
CA GLU C 356 53.41 7.31 6.84
C GLU C 356 53.67 8.81 7.02
N PHE C 357 52.91 9.47 7.91
CA PHE C 357 53.05 10.90 8.08
C PHE C 357 53.15 11.45 9.51
N SER C 358 54.22 12.19 9.78
CA SER C 358 54.37 12.81 11.09
C SER C 358 53.39 13.99 11.08
N LEU C 359 53.09 14.55 12.24
CA LEU C 359 52.18 15.70 12.27
C LEU C 359 52.73 16.80 11.38
N SER C 360 54.04 16.95 11.40
CA SER C 360 54.74 17.96 10.62
C SER C 360 54.59 17.77 9.12
N VAL C 361 54.72 16.54 8.66
CA VAL C 361 54.57 16.25 7.24
C VAL C 361 53.16 16.62 6.74
N TYR C 362 52.15 16.27 7.53
CA TYR C 362 50.76 16.58 7.17
C TYR C 362 50.51 18.09 7.25
N GLN C 363 50.97 18.72 8.33
CA GLN C 363 50.79 20.16 8.50
C GLN C 363 51.36 20.89 7.28
N LYS C 364 52.47 20.40 6.75
CA LYS C 364 53.11 20.99 5.58
C LYS C 364 52.16 20.95 4.36
N MET C 365 51.42 19.85 4.22
CA MET C 365 50.47 19.74 3.10
C MET C 365 49.40 20.81 3.23
N LYS C 366 48.84 20.92 4.43
CA LYS C 366 47.82 21.92 4.68
C LYS C 366 48.35 23.32 4.48
N PHE C 367 49.64 23.51 4.73
CA PHE C 367 50.29 24.81 4.56
C PHE C 367 50.37 25.09 3.06
N ASN C 368 50.80 24.11 2.28
CA ASN C 368 50.88 24.34 0.85
C ASN C 368 49.52 24.67 0.22
N VAL C 369 48.45 24.08 0.75
CA VAL C 369 47.11 24.32 0.23
C VAL C 369 46.74 25.79 0.50
N ALA C 370 46.82 26.17 1.78
CA ALA C 370 46.53 27.53 2.22
C ALA C 370 47.35 28.55 1.41
N MET C 371 48.55 28.17 0.99
CA MET C 371 49.41 29.06 0.20
C MET C 371 49.14 28.93 -1.28
N GLY C 372 48.26 28.01 -1.64
CA GLY C 372 47.93 27.78 -3.04
C GLY C 372 49.08 27.34 -3.92
N ILE C 373 49.99 26.51 -3.40
CA ILE C 373 51.14 26.10 -4.22
C ILE C 373 51.39 24.67 -4.67
N GLY C 374 50.66 23.68 -4.18
CA GLY C 374 50.98 22.33 -4.64
C GLY C 374 51.16 21.55 -3.38
N VAL C 375 50.16 20.76 -3.06
CA VAL C 375 50.15 20.01 -1.82
C VAL C 375 51.38 19.20 -1.48
N LEU C 376 52.08 18.68 -2.47
CA LEU C 376 53.25 17.86 -2.16
C LEU C 376 54.60 18.59 -2.23
N ASP C 377 54.58 19.91 -2.38
CA ASP C 377 55.82 20.70 -2.45
C ASP C 377 56.57 20.79 -1.13
ZN ZN D . -13.99 -27.59 7.33
MG MG E . -27.62 8.70 -7.47
PB ADP F . -30.22 9.34 -5.59
O1B ADP F . -31.64 9.41 -5.99
O2B ADP F . -29.38 8.36 -6.52
O3B ADP F . -29.62 10.71 -5.63
PA ADP F . -29.90 7.25 -3.57
O1A ADP F . -30.91 6.31 -4.09
O2A ADP F . -28.56 6.76 -3.91
O3A ADP F . -30.12 8.72 -4.16
O5' ADP F . -29.97 7.34 -2.00
C5' ADP F . -30.17 8.55 -1.26
C4' ADP F . -30.19 8.20 0.24
O4' ADP F . -31.29 8.96 0.75
C3' ADP F . -30.50 6.74 0.57
O3' ADP F . -29.36 5.99 1.03
C2' ADP F . -31.60 6.77 1.62
O2' ADP F . -31.05 6.57 2.94
C1' ADP F . -32.28 8.13 1.37
N9 ADP F . -33.49 8.11 0.45
C8 ADP F . -33.65 7.32 -0.66
N7 ADP F . -34.81 7.58 -1.24
C5 ADP F . -35.43 8.52 -0.55
C6 ADP F . -36.65 9.21 -0.65
N6 ADP F . -37.52 8.95 -1.65
N1 ADP F . -36.95 10.17 0.28
C2 ADP F . -36.12 10.47 1.31
N3 ADP F . -34.96 9.83 1.42
C4 ADP F . -34.57 8.87 0.53
ZN ZN G . 18.76 -18.43 14.65
MG MG H . -0.03 16.90 6.71
PB ADP I . -0.67 18.64 9.37
O1B ADP I . -1.90 19.08 10.05
O2B ADP I . -0.89 17.23 8.64
O3B ADP I . -0.18 19.65 8.40
PA ADP I . 1.07 16.96 11.00
O1A ADP I . 0.09 16.15 11.69
O2A ADP I . 1.67 16.24 9.90
O3A ADP I . 0.43 18.32 10.46
O5' ADP I . 2.27 17.33 11.97
C5' ADP I . 2.74 18.62 12.28
C4' ADP I . 3.92 18.46 13.28
O4' ADP I . 3.66 19.52 14.21
C3' ADP I . 3.90 17.17 14.12
O3' ADP I . 4.96 16.26 13.77
C2' ADP I . 4.00 17.62 15.58
O2' ADP I . 5.35 17.50 16.07
C1' ADP I . 3.45 19.05 15.55
N9 ADP I . 1.96 19.19 15.81
C8 ADP I . 0.97 18.33 15.36
N7 ADP I . -0.21 18.78 15.78
C5 ADP I . -0.03 19.88 16.49
C6 ADP I . -0.87 20.79 17.16
N6 ADP I . -2.20 20.61 17.20
N1 ADP I . -0.32 21.86 17.81
C2 ADP I . 1.01 22.10 17.81
N3 ADP I . 1.83 21.25 17.17
C4 ADP I . 1.37 20.16 16.51
ZN ZN J . 43.10 -16.76 -11.94
MG MG K . 27.72 21.37 -8.36
PB ADP L . 29.78 23.39 -7.04
O1B ADP L . 29.77 24.19 -5.79
O2B ADP L . 28.96 22.04 -6.81
O3B ADP L . 29.21 24.16 -8.18
PA ADP L . 32.00 21.58 -7.36
O1A ADP L . 32.07 21.07 -6.02
O2A ADP L . 31.29 20.63 -8.23
O3A ADP L . 31.24 22.97 -7.39
O5' ADP L . 33.38 21.71 -8.02
C5' ADP L . 33.91 22.86 -8.61
C4' ADP L . 35.34 22.53 -9.11
O4' ADP L . 36.03 23.77 -8.78
C3' ADP L . 36.14 21.45 -8.33
O3' ADP L . 36.33 20.23 -9.08
C2' ADP L . 37.47 22.09 -8.02
O2' ADP L . 38.40 21.83 -9.08
C1' ADP L . 37.14 23.55 -7.88
N9 ADP L . 36.67 24.00 -6.50
C8 ADP L . 35.84 23.31 -5.65
N7 ADP L . 35.65 24.02 -4.56
C5 ADP L . 36.32 25.15 -4.67
C6 ADP L . 36.51 26.29 -3.87
N6 ADP L . 35.91 26.39 -2.67
N1 ADP L . 37.30 27.31 -4.31
C2 ADP L . 37.93 27.28 -5.52
N3 ADP L . 37.77 26.21 -6.29
C4 ADP L . 36.99 25.15 -5.92
#